data_9GSV
#
_entry.id   9GSV
#
_cell.length_a   96.372
_cell.length_b   102.298
_cell.length_c   128.155
_cell.angle_alpha   90.00
_cell.angle_beta   90.00
_cell.angle_gamma   90.00
#
_symmetry.space_group_name_H-M   'P 21 21 21'
#
loop_
_entity.id
_entity.type
_entity.pdbx_description
1 polymer 'Lysosomal alpha-glucosidase'
2 branched 2-acetamido-2-deoxy-beta-D-glucopyranose-(1-4)-[alpha-L-fucopyranose-(1-6)]2-acetamido-2-deoxy-beta-D-glucopyranose
3 branched beta-D-mannopyranose-(1-4)-2-acetamido-2-deoxy-beta-D-glucopyranose-(1-4)-2-acetamido-2-deoxy-beta-D-glucopyranose
4 branched 2-acetamido-2-deoxy-beta-D-glucopyranose-(1-4)-2-acetamido-2-deoxy-beta-D-glucopyranose
5 branched alpha-L-fucopyranose-(1-6)-2-acetamido-2-deoxy-beta-D-glucopyranose
6 non-polymer (2~{R},3~{R},4~{R},5~{S})-2-(hydroxymethyl)-2-(2-phenylethyl)piperidine-3,4,5-triol
7 non-polymer 'SULFATE ION'
8 non-polymer 'CHLORIDE ION'
9 non-polymer 'TRIETHYLENE GLYCOL'
10 non-polymer 'TETRAETHYLENE GLYCOL'
11 non-polymer 1,2-ETHANEDIOL
12 water water
#
_entity_poly.entity_id   1
_entity_poly.type   'polypeptide(L)'
_entity_poly.pdbx_seq_one_letter_code
;MGVRHPPCSHRLLAVCALVSLATAALLGHILLHDFLLVPRELSGSSPVLEETHPAHQQGASRPGPRDAQAHPGRPRAVPT
QCDVPPNSRFDCAPDKAITQEQCEARGCCYIPAKQGLQGAQMGQPWCFFPPSYPSYKLENLSSSEMGYTATLTRTTPTFF
PKDILTLRLDVMMETENRLHFTIKDPANRRYEVPLETPRVHSRAPSPLYSVEFSEEPFGVIVHRQLDGRVLLNTTVAPLF
FADQFLQLSTSLPSQYITGLAEHLSPLMLSTSWTRITLWNRDLAPTPGANLYGSHPFYLALEDGGSAHGVFLLNSNAMDV
VLQPSPALSWRSTGGILDVYIFLGPEPKSVVQQYLDVVGYPFMPPYWGLGFHLCRWGYSSTAITRQVVENMTRAHFPLDV
QWNDLDYMDSRRDFTFNKDGFRDFPAMVQELHQGGRRYMMIVDPAISSSGPAGSYRPYDEGLRRGVFITNETGQPLIGKV
WPGSTAFPDFTNPTALAWWEDMVAEFHDQVPFDGMWIDMNEPSNFIRGSEDGCPNNELENPPYVPGVVGGTLQAATICAS
SHQFLSTHYNLHNLYGLTEAIASHRALVKARGTRPFVISRSTFAGHGRYAGHWTGDVWSSWEQLASSVPEILQFNLLGVP
LVGADVCGFLGNTSEELCVRWTQLGAFYPFMRNHNSLLSLPQEPYSFSEPAQQAMRKALTLRYALLPHLYTLFHQAHVAG
ETVARPLFLEFPKDSSTWTVDHQLLWGEALLITPVLQAGKAEVTGYFPLGTWYDLQTVPIEALGSLPPPPAAPREPAIHS
EGQWVTLPAPLDTINVHLRAGYIIPLQGPGLTTTESRQQPMALAVALTKGGEARGELFWDDGESLEVLERGAYTQVIFLA
RNNTIVNELVRVTSEGAGLQLQKVTVLGVATAPQQVLSNGVPVSNFTYSPDTKVLDI(CSO)VSLLMGEQFLVSWC
;
_entity_poly.pdbx_strand_id   A
#
# COMPACT_ATOMS: atom_id res chain seq x y z
N GLN A 81 32.53 12.34 29.67
CA GLN A 81 31.98 12.66 28.31
C GLN A 81 31.49 11.38 27.61
N CYS A 82 32.13 10.25 27.88
CA CYS A 82 31.78 8.92 27.27
C CYS A 82 30.80 8.16 28.16
N ASP A 83 30.28 8.82 29.19
CA ASP A 83 29.29 8.23 30.12
C ASP A 83 27.91 8.35 29.47
N VAL A 84 27.67 7.60 28.39
CA VAL A 84 26.40 7.63 27.60
C VAL A 84 25.67 6.32 27.85
N PRO A 85 24.40 6.35 28.34
CA PRO A 85 23.65 5.12 28.56
C PRO A 85 23.67 4.28 27.27
N PRO A 86 23.79 2.94 27.37
CA PRO A 86 23.97 2.08 26.20
C PRO A 86 22.93 2.27 25.09
N ASN A 87 21.64 2.37 25.45
CA ASN A 87 20.54 2.46 24.46
C ASN A 87 20.59 3.81 23.71
N SER A 88 21.33 4.80 24.24
CA SER A 88 21.38 6.19 23.74
C SER A 88 22.67 6.40 22.94
N ARG A 89 23.44 5.35 22.73
CA ARG A 89 24.72 5.46 22.01
C ARG A 89 24.40 5.47 20.53
N PHE A 90 24.95 6.46 19.81
CA PHE A 90 24.76 6.59 18.35
C PHE A 90 26.06 6.19 17.68
N ASP A 91 25.95 5.36 16.66
CA ASP A 91 27.07 4.67 16.02
C ASP A 91 28.00 5.70 15.34
N CYS A 92 29.27 5.71 15.74
CA CYS A 92 30.34 6.55 15.13
C CYS A 92 31.16 5.74 14.11
N ALA A 93 30.83 4.46 13.88
CA ALA A 93 31.50 3.66 12.82
C ALA A 93 30.46 2.90 12.01
N PRO A 94 29.46 3.60 11.43
CA PRO A 94 28.43 2.94 10.62
C PRO A 94 29.00 2.40 9.30
N ASP A 95 30.18 2.90 8.94
CA ASP A 95 30.81 2.73 7.61
C ASP A 95 31.74 1.49 7.56
N LYS A 96 32.21 0.99 8.70
CA LYS A 96 33.14 -0.18 8.72
C LYS A 96 33.45 -0.63 10.14
N ALA A 97 33.99 -1.85 10.25
CA ALA A 97 34.57 -2.40 11.49
C ALA A 97 35.76 -1.52 11.85
N ILE A 98 35.94 -1.26 13.13
CA ILE A 98 36.81 -0.16 13.61
C ILE A 98 37.51 -0.60 14.90
N THR A 99 38.76 -0.18 15.12
CA THR A 99 39.54 -0.49 16.35
C THR A 99 39.38 0.64 17.35
N GLN A 100 39.62 0.35 18.63
CA GLN A 100 39.58 1.37 19.71
C GLN A 100 40.40 2.59 19.27
N GLU A 101 41.57 2.34 18.66
CA GLU A 101 42.52 3.42 18.29
C GLU A 101 41.90 4.29 17.18
N GLN A 102 41.40 3.70 16.09
CA GLN A 102 40.71 4.43 14.99
C GLN A 102 39.49 5.19 15.54
N CYS A 103 38.71 4.56 16.43
CA CYS A 103 37.47 5.13 17.01
C CYS A 103 37.84 6.42 17.76
N GLU A 104 38.83 6.33 18.63
CA GLU A 104 39.26 7.45 19.50
C GLU A 104 39.93 8.51 18.60
N ALA A 105 40.54 8.11 17.47
CA ALA A 105 41.15 9.04 16.49
C ALA A 105 40.06 9.86 15.77
N ARG A 106 38.87 9.31 15.62
CA ARG A 106 37.71 10.01 14.99
C ARG A 106 37.10 11.02 15.96
N GLY A 107 37.52 11.02 17.23
CA GLY A 107 36.90 11.84 18.30
C GLY A 107 35.71 11.13 18.96
N CYS A 108 35.65 9.80 18.87
CA CYS A 108 34.51 9.00 19.39
C CYS A 108 34.90 8.19 20.65
N CYS A 109 33.90 7.66 21.37
CA CYS A 109 34.03 6.82 22.57
C CYS A 109 34.02 5.34 22.20
N TYR A 110 34.92 4.55 22.78
CA TYR A 110 34.97 3.09 22.54
C TYR A 110 34.59 2.40 23.84
N ILE A 111 33.43 1.76 23.90
CA ILE A 111 33.04 0.93 25.07
C ILE A 111 32.38 -0.33 24.54
N PRO A 112 33.02 -1.51 24.71
CA PRO A 112 32.41 -2.75 24.21
C PRO A 112 31.06 -3.00 24.88
N ALA A 113 30.09 -3.54 24.12
CA ALA A 113 28.80 -4.01 24.67
C ALA A 113 29.14 -5.17 25.61
N LYS A 114 28.33 -5.45 26.62
CA LYS A 114 28.64 -6.55 27.58
C LYS A 114 28.11 -7.89 27.06
N GLN A 115 27.52 -7.90 25.86
CA GLN A 115 26.94 -9.10 25.20
C GLN A 115 26.95 -8.88 23.68
N GLY A 123 23.43 -4.46 16.40
CA GLY A 123 23.33 -4.34 17.88
C GLY A 123 23.87 -2.99 18.37
N GLN A 124 24.07 -2.85 19.68
CA GLN A 124 24.59 -1.60 20.29
C GLN A 124 25.98 -1.31 19.75
N PRO A 125 26.27 -0.07 19.29
CA PRO A 125 27.58 0.26 18.74
C PRO A 125 28.64 0.34 19.85
N TRP A 126 29.83 -0.18 19.55
CA TRP A 126 30.99 -0.12 20.47
C TRP A 126 31.62 1.26 20.37
N CYS A 127 31.64 1.82 19.16
CA CYS A 127 32.20 3.15 18.84
C CYS A 127 31.04 4.16 18.67
N PHE A 128 30.90 5.13 19.57
CA PHE A 128 29.77 6.06 19.54
C PHE A 128 30.21 7.51 19.81
N PHE A 129 29.32 8.44 19.44
CA PHE A 129 29.57 9.90 19.54
C PHE A 129 29.46 10.35 20.98
N PRO A 130 30.49 11.03 21.51
CA PRO A 130 30.30 11.77 22.75
C PRO A 130 29.35 12.94 22.47
N PRO A 131 28.68 13.47 23.51
CA PRO A 131 27.82 14.65 23.34
C PRO A 131 28.52 15.88 22.73
N SER A 132 29.85 15.92 22.80
CA SER A 132 30.71 17.04 22.31
C SER A 132 31.14 16.78 20.86
N TYR A 133 30.74 15.68 20.25
CA TYR A 133 31.25 15.39 18.90
C TYR A 133 30.83 16.57 18.03
N PRO A 134 31.73 17.08 17.17
CA PRO A 134 31.43 18.24 16.32
C PRO A 134 30.25 18.02 15.37
N SER A 135 29.30 18.96 15.38
CA SER A 135 28.11 18.99 14.49
C SER A 135 28.17 20.28 13.69
N TYR A 136 27.03 20.74 13.23
CA TYR A 136 26.85 22.08 12.64
C TYR A 136 26.43 23.04 13.78
N LYS A 137 26.79 24.28 13.60
CA LYS A 137 26.36 25.40 14.45
C LYS A 137 25.30 26.23 13.69
N LEU A 138 24.20 26.56 14.38
CA LEU A 138 23.15 27.44 13.82
C LEU A 138 23.63 28.90 13.88
N GLU A 139 23.56 29.63 12.79
CA GLU A 139 23.97 31.06 12.75
C GLU A 139 22.93 31.87 11.97
N ASN A 140 22.66 33.09 12.42
CA ASN A 140 21.82 34.03 11.65
C ASN A 140 20.42 33.47 11.41
N LEU A 141 19.80 32.91 12.42
CA LEU A 141 18.38 32.54 12.33
C LEU A 141 17.58 33.82 12.13
N SER A 142 16.69 33.85 11.15
CA SER A 142 15.81 35.01 10.88
C SER A 142 14.41 34.51 10.59
N SER A 143 13.42 35.36 10.85
CA SER A 143 11.99 35.05 10.63
C SER A 143 11.51 35.80 9.40
N SER A 144 10.76 35.15 8.51
CA SER A 144 10.15 35.74 7.29
C SER A 144 8.66 35.34 7.25
N GLU A 145 7.86 35.87 6.33
CA GLU A 145 6.47 35.36 6.09
C GLU A 145 6.55 33.88 5.70
N MET A 146 7.62 33.45 5.04
CA MET A 146 7.79 32.04 4.61
C MET A 146 7.95 31.12 5.83
N GLY A 147 8.52 31.63 6.94
CA GLY A 147 8.83 30.87 8.17
C GLY A 147 10.22 31.26 8.71
N TYR A 148 11.14 30.32 8.95
CA TYR A 148 12.49 30.61 9.49
C TYR A 148 13.53 30.24 8.45
N THR A 149 14.63 30.96 8.43
CA THR A 149 15.81 30.58 7.63
C THR A 149 17.06 30.75 8.49
N ALA A 150 18.12 29.99 8.21
CA ALA A 150 19.37 30.06 8.99
C ALA A 150 20.50 29.50 8.15
N THR A 151 21.72 29.77 8.60
CA THR A 151 22.91 29.12 8.07
C THR A 151 23.34 28.06 9.09
N LEU A 152 23.81 26.92 8.58
CA LEU A 152 24.44 25.89 9.43
C LEU A 152 25.88 25.78 8.99
N THR A 153 26.82 25.80 9.96
CA THR A 153 28.26 25.74 9.66
C THR A 153 28.93 24.61 10.44
N ARG A 154 29.64 23.74 9.73
CA ARG A 154 30.51 22.70 10.32
C ARG A 154 31.94 23.21 10.22
N THR A 155 32.69 23.15 11.31
CA THR A 155 34.09 23.67 11.37
C THR A 155 35.07 22.49 11.34
N THR A 156 34.74 21.37 12.01
CA THR A 156 35.55 20.13 12.01
C THR A 156 34.96 19.12 11.02
N PRO A 157 35.73 18.66 10.01
CA PRO A 157 35.24 17.65 9.06
C PRO A 157 34.86 16.32 9.75
N THR A 158 33.93 15.57 9.16
CA THR A 158 33.59 14.20 9.59
C THR A 158 34.59 13.22 8.95
N PHE A 159 34.34 11.92 9.12
CA PHE A 159 35.21 10.83 8.58
C PHE A 159 34.73 10.50 7.17
N PHE A 160 33.65 11.11 6.67
CA PHE A 160 33.15 10.87 5.29
C PHE A 160 33.80 11.88 4.38
N PRO A 161 34.01 11.53 3.10
CA PRO A 161 34.51 12.48 2.11
C PRO A 161 33.46 13.55 1.74
N LYS A 162 33.94 14.74 1.37
CA LYS A 162 33.12 15.81 0.76
C LYS A 162 32.01 16.26 1.72
N ASP A 163 32.34 16.54 2.98
CA ASP A 163 31.42 17.29 3.88
C ASP A 163 30.99 18.55 3.15
N ILE A 164 29.73 18.94 3.30
CA ILE A 164 29.26 20.29 2.87
C ILE A 164 29.24 21.19 4.10
N LEU A 165 30.23 22.08 4.21
CA LEU A 165 30.53 22.73 5.52
C LEU A 165 29.52 23.87 5.80
N THR A 166 28.92 24.44 4.76
CA THR A 166 27.87 25.48 4.87
C THR A 166 26.55 25.00 4.25
N LEU A 167 25.52 24.96 5.08
CA LEU A 167 24.15 24.54 4.67
C LEU A 167 23.20 25.70 4.88
N ARG A 168 22.05 25.63 4.22
CA ARG A 168 20.90 26.53 4.47
C ARG A 168 19.73 25.73 5.07
N LEU A 169 19.22 26.21 6.19
CA LEU A 169 18.02 25.65 6.86
C LEU A 169 16.83 26.53 6.46
N ASP A 170 15.74 25.94 6.00
CA ASP A 170 14.45 26.65 5.76
C ASP A 170 13.32 25.90 6.52
N VAL A 171 12.63 26.58 7.41
CA VAL A 171 11.49 26.02 8.19
C VAL A 171 10.22 26.74 7.76
N MET A 172 9.26 25.97 7.25
CA MET A 172 7.96 26.46 6.73
C MET A 172 6.83 25.88 7.58
N MET A 173 6.09 26.76 8.21
CA MET A 173 4.86 26.38 8.97
C MET A 173 3.70 26.44 7.97
N GLU A 174 3.38 25.31 7.32
CA GLU A 174 2.55 25.30 6.10
C GLU A 174 1.06 25.26 6.44
N THR A 175 0.67 24.45 7.41
CA THR A 175 -0.73 24.35 7.86
C THR A 175 -0.69 24.24 9.38
N GLU A 176 -1.85 24.21 10.01
CA GLU A 176 -1.86 24.01 11.49
C GLU A 176 -1.35 22.62 11.82
N ASN A 177 -1.42 21.66 10.87
CA ASN A 177 -1.04 20.25 11.16
C ASN A 177 0.29 19.87 10.49
N ARG A 178 0.80 20.69 9.58
CA ARG A 178 2.00 20.30 8.80
C ARG A 178 3.15 21.30 8.92
N LEU A 179 4.26 20.82 9.45
CA LEU A 179 5.54 21.56 9.54
C LEU A 179 6.45 20.96 8.47
N HIS A 180 7.23 21.80 7.79
CA HIS A 180 8.11 21.39 6.68
C HIS A 180 9.46 22.08 6.87
N PHE A 181 10.55 21.35 6.94
CA PHE A 181 11.90 21.99 6.96
C PHE A 181 12.81 21.31 5.96
N THR A 182 13.69 22.09 5.36
CA THR A 182 14.70 21.55 4.42
C THR A 182 16.10 22.01 4.84
N ILE A 183 17.06 21.14 4.59
CA ILE A 183 18.51 21.42 4.76
C ILE A 183 19.15 21.17 3.40
N LYS A 184 19.75 22.21 2.85
CA LYS A 184 20.27 22.16 1.47
C LYS A 184 21.65 22.80 1.43
N ASP A 185 22.31 22.65 0.31
CA ASP A 185 23.60 23.31 0.00
C ASP A 185 23.26 24.60 -0.73
N PRO A 186 23.51 25.79 -0.12
CA PRO A 186 23.14 27.06 -0.76
C PRO A 186 24.03 27.33 -2.00
N ALA A 187 25.15 26.64 -2.16
CA ALA A 187 26.09 26.94 -3.26
C ALA A 187 25.84 26.02 -4.46
N ASN A 188 25.03 24.97 -4.34
CA ASN A 188 24.88 23.97 -5.43
C ASN A 188 23.50 23.35 -5.35
N ARG A 189 22.83 23.30 -6.49
CA ARG A 189 21.54 22.58 -6.64
C ARG A 189 21.90 21.10 -6.49
N ARG A 190 21.32 20.45 -5.49
CA ARG A 190 21.49 18.99 -5.27
C ARG A 190 20.25 18.32 -5.83
N TYR A 191 20.30 17.02 -6.09
CA TYR A 191 19.12 16.27 -6.53
C TYR A 191 18.02 16.43 -5.46
N GLU A 192 16.81 16.67 -5.95
CA GLU A 192 15.54 16.70 -5.19
C GLU A 192 14.50 15.87 -5.92
N VAL A 193 13.71 15.14 -5.14
CA VAL A 193 12.68 14.23 -5.70
C VAL A 193 11.64 15.11 -6.40
N PRO A 194 11.29 14.79 -7.65
CA PRO A 194 10.14 15.45 -8.29
C PRO A 194 8.80 15.08 -7.61
N LEU A 195 8.00 16.06 -7.16
CA LEU A 195 6.69 15.81 -6.50
C LEU A 195 5.71 16.97 -6.77
N SER A 206 -3.80 28.70 16.11
CA SER A 206 -2.38 28.32 16.34
C SER A 206 -2.15 26.91 15.80
N PRO A 207 -0.95 26.62 15.28
CA PRO A 207 -0.58 25.25 14.92
C PRO A 207 -0.57 24.27 16.10
N LEU A 208 -0.64 22.97 15.78
CA LEU A 208 -0.60 21.89 16.77
C LEU A 208 0.82 21.71 17.28
N TYR A 209 1.81 22.24 16.52
CA TYR A 209 3.25 22.08 16.84
C TYR A 209 3.80 23.41 17.35
N SER A 210 4.89 23.34 18.09
CA SER A 210 5.83 24.50 18.26
C SER A 210 7.22 24.01 17.89
N VAL A 211 8.04 24.93 17.38
CA VAL A 211 9.41 24.59 16.94
C VAL A 211 10.40 25.46 17.71
N GLU A 212 11.48 24.88 18.18
CA GLU A 212 12.64 25.61 18.73
C GLU A 212 13.92 25.01 18.17
N PHE A 213 15.05 25.68 18.34
CA PHE A 213 16.34 25.22 17.74
C PHE A 213 17.39 25.17 18.83
N SER A 214 18.25 24.18 18.73
CA SER A 214 19.53 24.15 19.48
C SER A 214 20.58 24.80 18.59
N GLU A 215 21.43 25.67 19.17
CA GLU A 215 22.44 26.46 18.40
C GLU A 215 23.68 25.59 18.13
N GLU A 216 24.21 24.92 19.14
CA GLU A 216 25.48 24.16 19.03
C GLU A 216 25.51 23.07 20.11
N PRO A 217 25.37 21.78 19.78
CA PRO A 217 25.16 21.30 18.41
C PRO A 217 23.77 21.66 17.86
N PHE A 218 23.69 21.91 16.55
CA PHE A 218 22.41 22.23 15.89
C PHE A 218 21.39 21.10 16.13
N GLY A 219 20.15 21.49 16.40
CA GLY A 219 19.01 20.56 16.30
C GLY A 219 17.71 21.29 16.10
N VAL A 220 16.73 20.59 15.52
CA VAL A 220 15.32 21.06 15.41
C VAL A 220 14.54 20.31 16.47
N ILE A 221 13.79 21.02 17.28
CA ILE A 221 12.97 20.41 18.36
C ILE A 221 11.52 20.74 18.02
N VAL A 222 10.64 19.74 17.91
CA VAL A 222 9.19 19.93 17.63
C VAL A 222 8.41 19.33 18.80
N HIS A 223 7.63 20.19 19.47
CA HIS A 223 6.69 19.83 20.57
C HIS A 223 5.27 19.73 20.02
N ARG A 224 4.48 18.81 20.55
CA ARG A 224 3.01 18.90 20.47
C ARG A 224 2.62 20.02 21.45
N GLN A 225 1.99 21.10 21.00
CA GLN A 225 1.61 22.27 21.87
C GLN A 225 0.65 21.82 22.97
N LEU A 226 -0.30 20.97 22.67
CA LEU A 226 -1.38 20.66 23.64
C LEU A 226 -0.78 20.05 24.91
N ASP A 227 0.15 19.09 24.86
CA ASP A 227 0.63 18.38 26.08
C ASP A 227 2.15 18.56 26.29
N GLY A 228 2.81 19.39 25.49
CA GLY A 228 4.27 19.59 25.53
C GLY A 228 5.09 18.34 25.18
N ARG A 229 4.55 17.30 24.56
CA ARG A 229 5.39 16.10 24.30
C ARG A 229 6.43 16.48 23.24
N VAL A 230 7.67 16.02 23.40
CA VAL A 230 8.75 16.21 22.39
C VAL A 230 8.55 15.14 21.31
N LEU A 231 8.27 15.55 20.10
CA LEU A 231 8.00 14.59 18.99
C LEU A 231 9.27 14.40 18.19
N LEU A 232 9.89 15.50 17.79
CA LEU A 232 11.19 15.50 17.10
C LEU A 232 12.24 16.22 17.95
N ASN A 233 13.44 15.69 17.99
CA ASN A 233 14.60 16.38 18.61
C ASN A 233 15.88 15.93 17.92
N THR A 234 16.38 16.71 16.96
CA THR A 234 17.52 16.25 16.12
C THR A 234 18.84 16.61 16.78
N THR A 235 18.82 17.25 17.96
CA THR A 235 20.03 17.48 18.79
C THR A 235 20.66 16.17 19.31
N VAL A 236 19.95 15.04 19.36
CA VAL A 236 20.41 13.80 20.07
C VAL A 236 21.68 13.23 19.42
N ALA A 237 21.97 13.59 18.18
CA ALA A 237 23.15 13.07 17.49
C ALA A 237 23.60 14.12 16.49
N PRO A 238 24.86 14.04 16.03
CA PRO A 238 25.37 15.03 15.10
C PRO A 238 24.58 15.02 13.79
N LEU A 239 24.57 16.15 13.11
CA LEU A 239 24.10 16.22 11.72
C LEU A 239 25.26 15.95 10.80
N PHE A 240 25.12 14.97 9.92
CA PHE A 240 26.11 14.69 8.87
C PHE A 240 25.49 15.12 7.57
N PHE A 241 26.27 15.82 6.77
CA PHE A 241 25.80 16.28 5.45
C PHE A 241 26.99 16.31 4.54
N ALA A 242 27.28 15.17 3.93
CA ALA A 242 28.35 15.03 2.93
C ALA A 242 27.70 14.70 1.59
N ASP A 243 28.43 14.84 0.51
CA ASP A 243 27.90 14.63 -0.84
C ASP A 243 27.16 13.28 -0.96
N GLN A 244 27.65 12.20 -0.39
CA GLN A 244 26.97 10.89 -0.49
C GLN A 244 26.61 10.33 0.88
N PHE A 245 26.45 11.15 1.91
CA PHE A 245 26.07 10.64 3.25
C PHE A 245 25.36 11.76 4.02
N LEU A 246 24.06 11.61 4.23
CA LEU A 246 23.27 12.51 5.09
C LEU A 246 22.86 11.68 6.30
N GLN A 247 22.95 12.25 7.50
CA GLN A 247 22.38 11.54 8.64
C GLN A 247 21.72 12.60 9.51
N LEU A 248 20.47 12.34 9.85
CA LEU A 248 19.67 13.16 10.78
C LEU A 248 19.03 12.19 11.74
N SER A 249 19.11 12.47 13.03
CA SER A 249 18.57 11.59 14.08
C SER A 249 17.48 12.33 14.82
N THR A 250 16.65 11.58 15.55
CA THR A 250 15.70 12.18 16.50
C THR A 250 15.45 11.16 17.59
N SER A 251 15.11 11.65 18.76
CA SER A 251 14.31 10.88 19.73
C SER A 251 12.94 10.51 19.12
N LEU A 252 12.38 9.40 19.61
CA LEU A 252 11.01 8.97 19.30
C LEU A 252 10.20 9.09 20.60
N PRO A 253 8.89 9.37 20.52
CA PRO A 253 8.08 9.58 21.73
C PRO A 253 7.68 8.27 22.42
N SER A 254 7.87 7.11 21.79
CA SER A 254 7.45 5.80 22.33
C SER A 254 8.20 4.70 21.58
N GLN A 255 8.01 3.45 21.99
CA GLN A 255 8.61 2.26 21.34
C GLN A 255 7.75 1.86 20.15
N TYR A 256 6.67 2.62 19.86
CA TYR A 256 5.65 2.23 18.85
C TYR A 256 5.80 3.10 17.62
N ILE A 257 6.23 2.46 16.54
CA ILE A 257 6.52 3.12 15.25
C ILE A 257 6.18 2.15 14.11
N THR A 258 5.53 2.67 13.07
CA THR A 258 5.13 1.88 11.88
C THR A 258 5.46 2.66 10.61
N GLY A 259 5.70 1.96 9.52
CA GLY A 259 6.02 2.58 8.23
C GLY A 259 7.28 1.97 7.62
N LEU A 260 7.97 2.74 6.80
CA LEU A 260 9.29 2.41 6.26
C LEU A 260 9.17 1.11 5.43
N ALA A 261 8.14 1.01 4.61
CA ALA A 261 8.01 -0.11 3.63
C ALA A 261 9.15 -0.04 2.60
N GLU A 262 9.41 -1.11 1.84
CA GLU A 262 8.68 -2.37 1.92
C GLU A 262 9.55 -3.44 2.60
N HIS A 263 9.04 -4.06 3.67
CA HIS A 263 9.77 -5.10 4.45
C HIS A 263 8.72 -6.09 4.99
N LEU A 264 9.14 -7.34 5.18
CA LEU A 264 8.26 -8.37 5.78
C LEU A 264 8.50 -8.31 7.29
N SER A 265 7.63 -7.61 7.99
CA SER A 265 7.80 -7.40 9.44
C SER A 265 6.44 -7.19 10.11
N PRO A 266 6.39 -7.26 11.45
CA PRO A 266 5.20 -6.86 12.19
C PRO A 266 4.88 -5.42 11.76
N LEU A 267 3.66 -5.02 11.98
CA LEU A 267 3.23 -3.64 11.64
C LEU A 267 4.01 -2.68 12.52
N MET A 268 4.16 -2.98 13.79
CA MET A 268 5.00 -2.15 14.71
C MET A 268 6.46 -2.59 14.65
N LEU A 269 7.35 -1.71 14.21
CA LEU A 269 8.77 -2.00 13.92
C LEU A 269 9.51 -2.19 15.25
N SER A 270 10.46 -3.11 15.28
CA SER A 270 11.33 -3.32 16.47
C SER A 270 12.34 -2.18 16.62
N THR A 271 12.40 -1.53 17.79
CA THR A 271 13.40 -0.48 18.10
C THR A 271 14.69 -1.08 18.71
N SER A 272 14.88 -2.40 18.68
CA SER A 272 16.05 -3.11 19.28
C SER A 272 17.20 -3.15 18.28
N TRP A 273 17.79 -2.00 17.93
CA TRP A 273 18.95 -1.89 17.02
C TRP A 273 18.62 -2.51 15.67
N THR A 274 17.59 -1.99 15.02
CA THR A 274 17.07 -2.52 13.75
C THR A 274 17.57 -1.62 12.64
N ARG A 275 18.09 -2.20 11.58
CA ARG A 275 18.46 -1.43 10.36
C ARG A 275 17.46 -1.74 9.26
N ILE A 276 16.70 -0.73 8.81
CA ILE A 276 15.70 -0.88 7.73
C ILE A 276 16.25 -0.23 6.46
N THR A 277 16.41 -1.02 5.40
CA THR A 277 17.06 -0.55 4.17
C THR A 277 15.98 -0.33 3.09
N LEU A 278 15.98 0.87 2.52
CA LEU A 278 15.11 1.30 1.39
C LEU A 278 15.95 1.33 0.10
N TRP A 279 15.84 0.26 -0.68
CA TRP A 279 16.48 0.18 -2.02
C TRP A 279 15.73 -0.87 -2.84
N ASN A 280 14.96 -0.42 -3.80
CA ASN A 280 13.96 -1.28 -4.47
C ASN A 280 14.70 -2.48 -5.04
N ARG A 281 14.22 -3.67 -4.69
CA ARG A 281 14.96 -4.91 -4.99
C ARG A 281 13.95 -6.01 -5.29
N ASP A 282 14.23 -6.77 -6.34
CA ASP A 282 13.52 -8.04 -6.65
C ASP A 282 14.09 -9.13 -5.73
N LEU A 283 13.32 -9.52 -4.73
CA LEU A 283 13.63 -10.65 -3.85
C LEU A 283 12.31 -11.18 -3.30
N ALA A 284 12.16 -12.49 -3.20
CA ALA A 284 10.96 -13.07 -2.56
C ALA A 284 10.88 -12.58 -1.13
N PRO A 285 9.70 -12.09 -0.67
CA PRO A 285 9.62 -11.47 0.63
C PRO A 285 10.16 -12.40 1.73
N THR A 286 11.04 -11.85 2.55
CA THR A 286 11.72 -12.53 3.67
C THR A 286 12.11 -11.45 4.64
N PRO A 287 12.19 -11.72 5.94
CA PRO A 287 12.49 -10.67 6.93
C PRO A 287 13.92 -10.10 6.81
N GLY A 288 14.13 -8.85 7.23
CA GLY A 288 15.46 -8.22 7.28
C GLY A 288 15.98 -7.81 5.89
N ALA A 289 15.17 -7.85 4.84
CA ALA A 289 15.65 -7.55 3.48
C ALA A 289 14.93 -6.33 2.90
N ASN A 290 15.64 -5.57 2.07
CA ASN A 290 15.05 -4.50 1.23
C ASN A 290 14.23 -5.18 0.13
N LEU A 291 12.93 -4.91 0.08
CA LEU A 291 12.07 -5.55 -0.95
C LEU A 291 11.75 -4.55 -2.07
N TYR A 292 10.60 -4.70 -2.71
CA TYR A 292 10.34 -4.12 -4.04
C TYR A 292 10.16 -2.59 -3.96
N GLY A 293 9.78 -2.05 -2.80
CA GLY A 293 9.42 -0.63 -2.70
C GLY A 293 10.06 0.05 -1.53
N SER A 294 9.94 1.38 -1.50
CA SER A 294 10.63 2.25 -0.55
C SER A 294 9.69 3.40 -0.20
N HIS A 295 9.30 3.50 1.08
CA HIS A 295 8.37 4.54 1.58
C HIS A 295 8.98 5.15 2.83
N PRO A 296 9.77 6.23 2.67
CA PRO A 296 10.43 6.85 3.81
C PRO A 296 9.50 7.72 4.65
N PHE A 297 8.52 7.06 5.26
CA PHE A 297 7.51 7.68 6.12
C PHE A 297 7.36 6.78 7.35
N TYR A 298 7.24 7.40 8.52
CA TYR A 298 6.81 6.65 9.72
C TYR A 298 5.73 7.42 10.45
N LEU A 299 4.92 6.64 11.14
CA LEU A 299 3.90 7.10 12.09
C LEU A 299 4.31 6.60 13.47
N ALA A 300 4.40 7.52 14.43
CA ALA A 300 4.90 7.19 15.78
C ALA A 300 3.73 7.46 16.73
N LEU A 301 3.38 6.48 17.54
CA LEU A 301 2.30 6.60 18.55
C LEU A 301 2.85 7.26 19.82
N GLU A 302 1.98 7.95 20.53
CA GLU A 302 2.32 8.65 21.79
C GLU A 302 1.44 8.09 22.89
N ASP A 303 1.96 8.02 24.10
CA ASP A 303 1.18 7.57 25.28
C ASP A 303 -0.14 8.36 25.29
N GLY A 304 -1.29 7.71 25.40
CA GLY A 304 -2.59 8.42 25.35
C GLY A 304 -3.31 8.22 24.02
N GLY A 305 -2.60 7.84 22.95
CA GLY A 305 -3.27 7.55 21.67
C GLY A 305 -3.16 8.64 20.62
N SER A 306 -2.46 9.75 20.91
CA SER A 306 -2.09 10.72 19.85
C SER A 306 -0.95 10.13 19.03
N ALA A 307 -0.70 10.72 17.88
CA ALA A 307 0.35 10.23 16.96
C ALA A 307 0.84 11.40 16.11
N HIS A 308 2.00 11.23 15.54
CA HIS A 308 2.53 12.14 14.51
C HIS A 308 3.20 11.29 13.42
N GLY A 309 3.46 11.90 12.28
CA GLY A 309 4.13 11.22 11.17
C GLY A 309 5.26 12.10 10.68
N VAL A 310 6.26 11.48 10.11
CA VAL A 310 7.48 12.12 9.54
C VAL A 310 7.71 11.51 8.18
N PHE A 311 7.81 12.36 7.19
CA PHE A 311 8.14 11.97 5.82
C PHE A 311 9.48 12.61 5.45
N LEU A 312 10.46 11.81 5.06
CA LEU A 312 11.71 12.32 4.47
C LEU A 312 11.60 12.21 2.95
N LEU A 313 11.42 13.32 2.26
CA LEU A 313 11.27 13.28 0.80
C LEU A 313 12.65 13.12 0.17
N ASN A 314 13.13 11.88 0.13
CA ASN A 314 14.48 11.54 -0.33
C ASN A 314 14.33 10.16 -1.01
N SER A 315 14.77 10.04 -2.24
CA SER A 315 14.66 8.77 -3.01
C SER A 315 15.99 8.04 -3.14
N ASN A 316 17.04 8.44 -2.44
CA ASN A 316 18.32 7.71 -2.51
C ASN A 316 18.27 6.42 -1.68
N ALA A 317 19.18 5.48 -1.98
CA ALA A 317 19.40 4.31 -1.09
C ALA A 317 19.56 4.82 0.33
N MET A 318 18.81 4.27 1.27
CA MET A 318 18.97 4.70 2.68
C MET A 318 18.84 3.55 3.67
N ASP A 319 19.44 3.73 4.81
CA ASP A 319 19.19 2.91 6.00
C ASP A 319 18.46 3.80 6.98
N VAL A 320 17.49 3.23 7.68
CA VAL A 320 16.89 3.90 8.85
C VAL A 320 17.20 3.00 10.02
N VAL A 321 17.87 3.56 11.01
CA VAL A 321 18.36 2.77 12.18
C VAL A 321 17.52 3.14 13.41
N LEU A 322 16.86 2.17 14.00
CA LEU A 322 16.05 2.37 15.22
C LEU A 322 16.86 1.86 16.40
N GLN A 323 16.81 2.56 17.52
CA GLN A 323 17.46 2.08 18.74
C GLN A 323 16.53 2.28 19.93
N PRO A 324 16.76 1.54 21.02
CA PRO A 324 15.75 1.36 22.05
C PRO A 324 15.63 2.51 23.04
N SER A 325 16.33 3.63 22.84
CA SER A 325 16.27 4.79 23.80
C SER A 325 14.86 5.32 24.06
N PRO A 326 13.91 5.53 23.11
CA PRO A 326 14.02 5.16 21.70
C PRO A 326 14.41 6.33 20.80
N ALA A 327 15.00 6.01 19.66
CA ALA A 327 15.51 7.02 18.69
C ALA A 327 15.58 6.39 17.31
N LEU A 328 15.73 7.25 16.31
CA LEU A 328 15.76 6.86 14.89
C LEU A 328 16.82 7.72 14.21
N SER A 329 17.52 7.15 13.24
CA SER A 329 18.52 7.87 12.41
C SER A 329 18.21 7.62 10.96
N TRP A 330 17.98 8.67 10.19
CA TRP A 330 17.88 8.56 8.72
C TRP A 330 19.31 8.62 8.19
N ARG A 331 19.71 7.67 7.36
CA ARG A 331 21.06 7.70 6.74
C ARG A 331 20.88 7.53 5.25
N SER A 332 20.96 8.60 4.49
CA SER A 332 20.76 8.56 3.02
C SER A 332 22.09 8.71 2.28
N THR A 333 22.16 8.23 1.04
CA THR A 333 23.38 8.23 0.24
C THR A 333 23.39 9.42 -0.70
N GLY A 334 22.38 10.28 -0.64
CA GLY A 334 22.39 11.45 -1.53
C GLY A 334 21.28 12.44 -1.26
N GLY A 335 21.15 13.37 -2.18
CA GLY A 335 20.00 14.27 -2.18
C GLY A 335 20.09 15.33 -1.10
N ILE A 336 18.93 15.73 -0.57
CA ILE A 336 18.88 16.72 0.54
C ILE A 336 18.07 16.16 1.69
N LEU A 337 17.99 16.92 2.76
CA LEU A 337 17.06 16.64 3.85
C LEU A 337 15.83 17.49 3.63
N ASP A 338 14.72 16.84 3.31
CA ASP A 338 13.43 17.51 3.03
C ASP A 338 12.39 16.83 3.90
N VAL A 339 12.07 17.44 5.04
CA VAL A 339 11.36 16.71 6.12
C VAL A 339 9.98 17.36 6.31
N TYR A 340 8.97 16.51 6.41
CA TYR A 340 7.59 16.87 6.80
C TYR A 340 7.23 16.20 8.11
N ILE A 341 6.64 17.00 8.99
CA ILE A 341 6.07 16.49 10.26
C ILE A 341 4.57 16.73 10.17
N PHE A 342 3.79 15.71 10.55
CA PHE A 342 2.31 15.70 10.48
C PHE A 342 1.78 15.49 11.88
N LEU A 343 1.05 16.48 12.41
CA LEU A 343 0.73 16.53 13.85
C LEU A 343 -0.52 15.74 14.24
N GLY A 344 -1.29 15.19 13.31
CA GLY A 344 -2.40 14.34 13.76
C GLY A 344 -3.51 15.21 14.33
N PRO A 345 -3.96 15.02 15.59
CA PRO A 345 -3.34 14.11 16.56
C PRO A 345 -3.74 12.63 16.45
N GLU A 346 -4.85 12.36 15.78
CA GLU A 346 -5.34 10.97 15.60
C GLU A 346 -4.51 10.30 14.49
N PRO A 347 -4.14 9.02 14.67
CA PRO A 347 -3.42 8.28 13.64
C PRO A 347 -4.11 8.35 12.28
N LYS A 348 -5.44 8.29 12.22
CA LYS A 348 -6.13 8.46 10.90
C LYS A 348 -5.86 9.84 10.28
N SER A 349 -5.78 10.89 11.09
CA SER A 349 -5.46 12.27 10.64
C SER A 349 -4.01 12.36 10.18
N VAL A 350 -3.11 11.64 10.85
CA VAL A 350 -1.68 11.67 10.42
C VAL A 350 -1.61 11.14 8.97
N VAL A 351 -2.30 10.02 8.71
CA VAL A 351 -2.27 9.37 7.37
C VAL A 351 -2.88 10.33 6.35
N GLN A 352 -3.99 10.96 6.69
CA GLN A 352 -4.63 11.92 5.74
C GLN A 352 -3.65 13.07 5.43
N GLN A 353 -3.05 13.64 6.47
CA GLN A 353 -2.09 14.78 6.34
C GLN A 353 -0.92 14.39 5.45
N TYR A 354 -0.41 13.16 5.60
CA TYR A 354 0.71 12.65 4.77
C TYR A 354 0.21 12.59 3.33
N LEU A 355 -1.01 12.07 3.13
CA LEU A 355 -1.56 11.92 1.75
C LEU A 355 -1.90 13.29 1.16
N ASP A 356 -2.10 14.32 1.98
CA ASP A 356 -2.26 15.70 1.45
C ASP A 356 -0.96 16.14 0.79
N VAL A 357 0.20 15.58 1.15
CA VAL A 357 1.49 15.92 0.50
C VAL A 357 1.69 14.99 -0.72
N VAL A 358 1.57 13.68 -0.56
CA VAL A 358 2.02 12.73 -1.62
C VAL A 358 0.88 12.42 -2.60
N GLY A 359 -0.38 12.70 -2.24
CA GLY A 359 -1.53 12.43 -3.12
C GLY A 359 -2.49 11.43 -2.48
N TYR A 360 -3.78 11.68 -2.65
CA TYR A 360 -4.86 10.79 -2.22
C TYR A 360 -4.87 9.60 -3.17
N PRO A 361 -5.26 8.41 -2.67
CA PRO A 361 -5.36 7.21 -3.51
C PRO A 361 -6.27 7.47 -4.71
N PHE A 362 -5.95 6.86 -5.84
CA PHE A 362 -6.80 6.93 -7.05
C PHE A 362 -8.05 6.09 -6.80
N MET A 363 -9.13 6.43 -7.51
CA MET A 363 -10.41 5.69 -7.46
C MET A 363 -10.35 4.57 -8.48
N PRO A 364 -10.34 3.29 -8.05
CA PRO A 364 -10.35 2.19 -9.00
C PRO A 364 -11.72 2.08 -9.68
N PRO A 365 -11.79 1.41 -10.85
CA PRO A 365 -13.06 0.99 -11.40
C PRO A 365 -13.70 -0.07 -10.49
N TYR A 366 -15.02 -0.10 -10.43
CA TYR A 366 -15.74 -1.05 -9.55
C TYR A 366 -15.30 -2.47 -9.86
N TRP A 367 -15.15 -2.80 -11.15
CA TRP A 367 -14.77 -4.17 -11.56
C TRP A 367 -13.41 -4.58 -10.98
N GLY A 368 -12.51 -3.66 -10.71
CA GLY A 368 -11.19 -3.98 -10.13
C GLY A 368 -11.33 -4.54 -8.71
N LEU A 369 -12.50 -4.39 -8.08
CA LEU A 369 -12.73 -4.88 -6.70
C LEU A 369 -13.31 -6.29 -6.71
N GLY A 370 -13.58 -6.79 -7.90
CA GLY A 370 -14.02 -8.18 -8.08
C GLY A 370 -12.85 -9.15 -7.91
N PHE A 371 -13.11 -10.41 -8.22
CA PHE A 371 -12.08 -11.46 -8.10
C PHE A 371 -11.28 -11.57 -9.40
N HIS A 372 -9.97 -11.60 -9.23
CA HIS A 372 -8.94 -11.71 -10.31
C HIS A 372 -8.30 -13.10 -10.26
N LEU A 373 -8.03 -13.71 -11.40
CA LEU A 373 -7.44 -15.05 -11.44
C LEU A 373 -6.38 -15.09 -12.53
N CYS A 374 -5.20 -15.51 -12.11
CA CYS A 374 -3.99 -15.54 -12.95
C CYS A 374 -3.10 -16.75 -12.58
N ARG A 375 -2.28 -17.19 -13.51
CA ARG A 375 -1.08 -18.00 -13.20
C ARG A 375 -0.12 -17.85 -14.36
N TRP A 376 1.11 -18.17 -14.08
CA TRP A 376 2.11 -18.44 -15.13
C TRP A 376 1.88 -19.89 -15.55
N GLY A 377 1.51 -20.12 -16.80
CA GLY A 377 1.22 -21.49 -17.26
C GLY A 377 -0.13 -21.66 -17.93
N TYR A 378 -0.99 -20.62 -18.02
CA TYR A 378 -2.16 -20.66 -18.92
C TYR A 378 -1.64 -20.38 -20.32
N SER A 379 -1.21 -21.44 -21.02
CA SER A 379 -0.24 -21.33 -22.13
C SER A 379 -0.94 -21.25 -23.49
N SER A 380 -2.24 -21.19 -23.51
CA SER A 380 -3.02 -20.92 -24.76
C SER A 380 -4.29 -20.18 -24.42
N THR A 381 -4.96 -19.63 -25.44
CA THR A 381 -6.32 -19.05 -25.30
C THR A 381 -7.28 -20.15 -24.87
N ALA A 382 -7.15 -21.36 -25.41
CA ALA A 382 -8.08 -22.47 -25.09
C ALA A 382 -8.02 -22.79 -23.58
N ILE A 383 -6.83 -22.99 -23.02
CA ILE A 383 -6.62 -23.14 -21.55
C ILE A 383 -7.17 -21.92 -20.81
N THR A 384 -6.86 -20.70 -21.25
CA THR A 384 -7.33 -19.47 -20.54
C THR A 384 -8.86 -19.45 -20.51
N ARG A 385 -9.52 -19.79 -21.63
CA ARG A 385 -10.99 -19.81 -21.69
C ARG A 385 -11.55 -20.86 -20.73
N GLN A 386 -10.83 -21.98 -20.57
CA GLN A 386 -11.27 -23.11 -19.71
C GLN A 386 -11.30 -22.66 -18.25
N VAL A 387 -10.49 -21.67 -17.89
CA VAL A 387 -10.48 -21.17 -16.50
C VAL A 387 -11.84 -20.51 -16.26
N VAL A 388 -12.23 -19.61 -17.17
CA VAL A 388 -13.52 -18.90 -17.04
C VAL A 388 -14.68 -19.92 -17.06
N GLU A 389 -14.61 -20.87 -17.97
CA GLU A 389 -15.65 -21.93 -18.06
C GLU A 389 -15.73 -22.71 -16.76
N ASN A 390 -14.58 -23.11 -16.22
CA ASN A 390 -14.55 -23.95 -15.00
C ASN A 390 -15.01 -23.14 -13.80
N MET A 391 -14.66 -21.86 -13.72
CA MET A 391 -15.13 -21.02 -12.59
C MET A 391 -16.67 -20.90 -12.67
N THR A 392 -17.18 -20.59 -13.86
CA THR A 392 -18.63 -20.35 -14.11
C THR A 392 -19.39 -21.64 -13.75
N ARG A 393 -18.94 -22.78 -14.28
CA ARG A 393 -19.59 -24.11 -14.04
C ARG A 393 -19.74 -24.36 -12.54
N ALA A 394 -18.77 -23.95 -11.71
CA ALA A 394 -18.80 -24.26 -10.26
C ALA A 394 -19.32 -23.06 -9.48
N HIS A 395 -19.94 -22.07 -10.16
CA HIS A 395 -20.62 -20.92 -9.51
C HIS A 395 -19.62 -20.07 -8.70
N PHE A 396 -18.43 -19.83 -9.26
CA PHE A 396 -17.43 -18.95 -8.61
C PHE A 396 -17.42 -17.63 -9.38
N PRO A 397 -17.64 -16.50 -8.69
CA PRO A 397 -17.45 -15.17 -9.27
C PRO A 397 -16.04 -15.00 -9.81
N LEU A 398 -15.93 -14.36 -10.97
CA LEU A 398 -14.63 -14.02 -11.60
C LEU A 398 -14.87 -12.76 -12.45
N ASP A 399 -14.29 -11.62 -12.06
CA ASP A 399 -14.46 -10.39 -12.87
C ASP A 399 -13.37 -10.28 -13.92
N VAL A 400 -12.16 -10.71 -13.62
CA VAL A 400 -10.97 -10.36 -14.45
C VAL A 400 -10.12 -11.60 -14.65
N GLN A 401 -9.95 -11.99 -15.91
CA GLN A 401 -9.03 -13.07 -16.27
C GLN A 401 -7.70 -12.42 -16.65
N TRP A 402 -6.61 -12.94 -16.13
CA TRP A 402 -5.24 -12.46 -16.39
C TRP A 402 -4.46 -13.49 -17.19
N ASN A 403 -3.41 -13.02 -17.87
CA ASN A 403 -2.31 -13.88 -18.36
C ASN A 403 -0.96 -13.27 -17.95
N ASP A 404 -0.05 -14.15 -17.62
CA ASP A 404 1.37 -13.89 -17.36
C ASP A 404 2.08 -13.90 -18.73
N LEU A 405 3.37 -14.22 -18.74
CA LEU A 405 4.27 -14.11 -19.90
C LEU A 405 3.82 -15.03 -21.05
N ASP A 406 3.00 -16.02 -20.77
CA ASP A 406 2.46 -16.97 -21.78
C ASP A 406 1.97 -16.28 -23.04
N TYR A 407 1.32 -15.11 -22.98
CA TYR A 407 0.62 -14.54 -24.18
C TYR A 407 1.66 -14.05 -25.19
N MET A 408 2.85 -13.71 -24.71
CA MET A 408 3.82 -12.92 -25.48
C MET A 408 4.44 -13.75 -26.59
N ASP A 409 5.00 -13.08 -27.59
CA ASP A 409 5.88 -13.76 -28.56
C ASP A 409 7.31 -13.70 -28.04
N SER A 410 7.89 -14.84 -27.63
CA SER A 410 9.28 -14.94 -27.12
C SER A 410 9.46 -13.98 -25.94
N ARG A 411 8.44 -13.84 -25.10
CA ARG A 411 8.51 -13.10 -23.81
CA ARG A 411 8.51 -13.10 -23.81
C ARG A 411 8.82 -11.61 -24.09
N ARG A 412 8.26 -11.09 -25.19
CA ARG A 412 8.39 -9.66 -25.55
C ARG A 412 7.10 -8.88 -25.31
N ASP A 413 7.22 -7.72 -24.67
CA ASP A 413 6.06 -6.80 -24.52
C ASP A 413 5.46 -6.45 -25.89
N PHE A 414 4.16 -6.22 -25.91
CA PHE A 414 3.39 -5.61 -27.03
C PHE A 414 3.41 -6.58 -28.22
N THR A 415 3.46 -7.87 -27.92
CA THR A 415 3.37 -8.95 -28.93
C THR A 415 2.45 -10.01 -28.38
N PHE A 416 2.01 -10.91 -29.23
CA PHE A 416 1.32 -12.15 -28.80
C PHE A 416 1.74 -13.27 -29.74
N ASN A 417 1.97 -14.48 -29.21
CA ASN A 417 2.48 -15.58 -30.07
C ASN A 417 1.34 -16.08 -30.95
N LYS A 418 1.69 -16.72 -32.07
CA LYS A 418 0.74 -17.18 -33.12
C LYS A 418 0.57 -18.70 -33.01
N ASP A 419 0.93 -19.30 -31.88
CA ASP A 419 0.63 -20.71 -31.54
C ASP A 419 -0.62 -20.73 -30.63
N GLY A 420 -0.37 -20.84 -29.32
CA GLY A 420 -1.41 -20.85 -28.29
C GLY A 420 -2.27 -19.60 -28.31
N PHE A 421 -1.72 -18.46 -28.73
CA PHE A 421 -2.42 -17.16 -28.57
C PHE A 421 -2.73 -16.55 -29.93
N ARG A 422 -2.90 -17.40 -30.95
CA ARG A 422 -3.20 -16.88 -32.31
C ARG A 422 -4.49 -16.05 -32.32
N ASP A 423 -5.50 -16.47 -31.58
CA ASP A 423 -6.82 -15.78 -31.54
C ASP A 423 -6.95 -14.99 -30.23
N PHE A 424 -5.87 -14.40 -29.75
CA PHE A 424 -5.83 -13.56 -28.53
C PHE A 424 -6.87 -12.46 -28.61
N PRO A 425 -6.96 -11.68 -29.71
CA PRO A 425 -7.96 -10.61 -29.78
C PRO A 425 -9.40 -11.11 -29.57
N ALA A 426 -9.76 -12.21 -30.22
CA ALA A 426 -11.09 -12.82 -30.08
C ALA A 426 -11.35 -13.26 -28.64
N MET A 427 -10.38 -13.89 -27.98
CA MET A 427 -10.55 -14.32 -26.57
C MET A 427 -10.93 -13.09 -25.71
N VAL A 428 -10.22 -11.99 -25.83
CA VAL A 428 -10.47 -10.78 -24.99
C VAL A 428 -11.84 -10.16 -25.34
N GLN A 429 -12.21 -10.12 -26.62
CA GLN A 429 -13.55 -9.60 -27.04
C GLN A 429 -14.64 -10.49 -26.44
N GLU A 430 -14.40 -11.80 -26.42
CA GLU A 430 -15.36 -12.77 -25.82
C GLU A 430 -15.47 -12.54 -24.30
N LEU A 431 -14.38 -12.29 -23.60
CA LEU A 431 -14.47 -12.01 -22.14
C LEU A 431 -15.37 -10.79 -21.93
N HIS A 432 -15.15 -9.74 -22.72
CA HIS A 432 -15.96 -8.50 -22.68
C HIS A 432 -17.44 -8.80 -22.92
N GLN A 433 -17.75 -9.65 -23.89
CA GLN A 433 -19.14 -10.01 -24.25
C GLN A 433 -19.82 -10.73 -23.10
N GLY A 434 -19.08 -11.47 -22.29
CA GLY A 434 -19.65 -12.09 -21.08
C GLY A 434 -19.63 -11.20 -19.85
N GLY A 435 -19.14 -9.96 -19.94
CA GLY A 435 -19.20 -9.00 -18.81
C GLY A 435 -17.97 -9.07 -17.91
N ARG A 436 -16.85 -9.59 -18.43
CA ARG A 436 -15.58 -9.68 -17.66
C ARG A 436 -14.57 -8.74 -18.29
N ARG A 437 -13.51 -8.46 -17.54
CA ARG A 437 -12.35 -7.68 -18.04
C ARG A 437 -11.14 -8.59 -18.16
N TYR A 438 -10.06 -8.02 -18.67
CA TYR A 438 -8.85 -8.80 -18.97
C TYR A 438 -7.62 -7.96 -18.64
N MET A 439 -6.65 -8.58 -17.99
CA MET A 439 -5.38 -7.95 -17.54
CA MET A 439 -5.38 -7.93 -17.61
C MET A 439 -4.23 -8.83 -18.01
N MET A 440 -3.11 -8.20 -18.33
CA MET A 440 -1.92 -8.99 -18.69
C MET A 440 -0.66 -8.29 -18.20
N ILE A 441 0.37 -9.12 -18.00
CA ILE A 441 1.67 -8.67 -17.49
C ILE A 441 2.35 -7.82 -18.57
N VAL A 442 3.01 -6.79 -18.10
CA VAL A 442 3.92 -5.94 -18.92
C VAL A 442 5.21 -5.77 -18.14
N ASP A 443 6.35 -6.01 -18.78
CA ASP A 443 7.69 -5.81 -18.16
C ASP A 443 8.23 -4.47 -18.65
N PRO A 444 9.14 -3.80 -17.92
CA PRO A 444 9.63 -2.52 -18.41
C PRO A 444 10.64 -2.71 -19.52
N ALA A 445 11.41 -3.79 -19.47
CA ALA A 445 12.63 -3.97 -20.29
C ALA A 445 12.23 -4.44 -21.68
N ILE A 446 12.91 -3.89 -22.68
CA ILE A 446 12.51 -4.03 -24.11
C ILE A 446 13.62 -4.80 -24.82
N SER A 447 13.24 -5.85 -25.51
CA SER A 447 14.19 -6.75 -26.21
C SER A 447 14.99 -5.89 -27.21
N SER A 448 16.31 -5.95 -27.12
CA SER A 448 17.25 -5.13 -27.93
C SER A 448 17.96 -5.98 -29.00
N SER A 449 17.67 -7.28 -29.11
CA SER A 449 18.54 -8.20 -29.90
C SER A 449 17.90 -8.59 -31.22
N GLY A 450 16.70 -8.11 -31.53
CA GLY A 450 16.00 -8.55 -32.74
C GLY A 450 16.70 -7.91 -33.93
N PRO A 451 16.55 -8.43 -35.16
CA PRO A 451 17.00 -7.70 -36.35
C PRO A 451 16.35 -6.30 -36.37
N ALA A 452 17.12 -5.30 -36.78
CA ALA A 452 16.64 -3.92 -36.97
C ALA A 452 15.37 -3.94 -37.81
N GLY A 453 14.34 -3.23 -37.34
CA GLY A 453 13.10 -2.98 -38.08
C GLY A 453 12.11 -4.09 -37.86
N SER A 454 12.44 -5.11 -37.06
CA SER A 454 11.55 -6.28 -36.80
C SER A 454 10.74 -6.13 -35.50
N TYR A 455 11.00 -5.15 -34.63
CA TYR A 455 10.35 -5.10 -33.29
C TYR A 455 10.18 -3.64 -32.90
N ARG A 456 9.02 -3.10 -33.25
CA ARG A 456 8.69 -1.66 -33.22
C ARG A 456 8.97 -1.07 -31.84
N PRO A 457 8.61 -1.71 -30.71
CA PRO A 457 8.90 -1.07 -29.41
C PRO A 457 10.37 -0.71 -29.22
N TYR A 458 11.27 -1.60 -29.62
CA TYR A 458 12.71 -1.30 -29.53
C TYR A 458 13.08 -0.29 -30.63
N ASP A 459 12.72 -0.57 -31.87
CA ASP A 459 13.13 0.28 -33.03
C ASP A 459 12.70 1.74 -32.81
N GLU A 460 11.45 1.94 -32.40
CA GLU A 460 10.90 3.29 -32.12
C GLU A 460 11.53 3.89 -30.84
N GLY A 461 11.78 3.09 -29.81
CA GLY A 461 12.47 3.52 -28.58
C GLY A 461 13.83 4.09 -28.92
N LEU A 462 14.55 3.36 -29.75
CA LEU A 462 15.92 3.75 -30.18
C LEU A 462 15.86 5.08 -30.96
N ARG A 463 14.89 5.24 -31.84
CA ARG A 463 14.73 6.45 -32.67
C ARG A 463 14.46 7.66 -31.77
N ARG A 464 13.65 7.49 -30.75
CA ARG A 464 13.19 8.61 -29.90
C ARG A 464 14.09 8.78 -28.69
N GLY A 465 15.09 7.93 -28.49
CA GLY A 465 16.04 8.06 -27.36
C GLY A 465 15.32 7.88 -26.03
N VAL A 466 14.51 6.83 -25.88
CA VAL A 466 13.70 6.65 -24.65
C VAL A 466 14.48 5.89 -23.55
N PHE A 467 15.63 5.28 -23.88
CA PHE A 467 16.26 4.27 -22.97
C PHE A 467 17.29 4.92 -22.06
N ILE A 468 17.42 4.36 -20.88
CA ILE A 468 18.52 4.66 -19.92
C ILE A 468 19.86 4.42 -20.64
N THR A 469 20.78 5.38 -20.58
CA THR A 469 22.05 5.25 -21.34
C THR A 469 23.21 5.03 -20.37
N ASN A 470 24.36 4.62 -20.94
CA ASN A 470 25.54 4.33 -20.13
C ASN A 470 26.63 5.38 -20.40
N GLU A 471 27.82 5.10 -19.93
CA GLU A 471 28.96 6.04 -19.88
C GLU A 471 29.31 6.51 -21.31
N THR A 472 29.12 5.67 -22.34
CA THR A 472 29.47 6.04 -23.72
C THR A 472 28.20 6.51 -24.46
N GLY A 473 27.11 6.79 -23.76
CA GLY A 473 25.89 7.40 -24.32
C GLY A 473 25.06 6.42 -25.13
N GLN A 474 25.27 5.13 -24.97
CA GLN A 474 24.44 4.11 -25.67
C GLN A 474 23.46 3.52 -24.65
N PRO A 475 22.42 2.81 -25.12
CA PRO A 475 21.46 2.15 -24.23
C PRO A 475 22.21 1.15 -23.34
N LEU A 476 21.92 1.22 -22.04
CA LEU A 476 22.39 0.23 -21.08
C LEU A 476 21.67 -1.07 -21.39
N ILE A 477 22.41 -2.14 -21.64
CA ILE A 477 21.81 -3.46 -21.98
C ILE A 477 21.93 -4.39 -20.78
N GLY A 478 20.80 -4.91 -20.32
CA GLY A 478 20.76 -5.94 -19.27
C GLY A 478 20.22 -7.24 -19.84
N LYS A 479 19.78 -8.14 -18.97
CA LYS A 479 19.19 -9.43 -19.40
C LYS A 479 17.92 -9.67 -18.58
N VAL A 480 16.81 -9.82 -19.24
CA VAL A 480 15.56 -10.25 -18.55
C VAL A 480 14.91 -11.29 -19.46
N TRP A 481 13.60 -11.45 -19.40
CA TRP A 481 12.94 -12.64 -20.00
C TRP A 481 13.28 -12.84 -21.48
N PRO A 482 13.23 -11.80 -22.35
CA PRO A 482 13.44 -12.02 -23.78
C PRO A 482 14.92 -12.19 -24.15
N GLY A 483 15.82 -12.04 -23.18
CA GLY A 483 17.28 -12.02 -23.36
C GLY A 483 17.78 -10.59 -23.17
N SER A 484 18.65 -10.12 -24.06
CA SER A 484 19.18 -8.73 -23.98
C SER A 484 18.04 -7.72 -24.03
N THR A 485 18.05 -6.73 -23.13
CA THR A 485 17.00 -5.71 -23.09
C THR A 485 17.60 -4.33 -22.81
N ALA A 486 16.95 -3.29 -23.31
CA ALA A 486 17.17 -1.90 -22.85
C ALA A 486 16.07 -1.51 -21.87
N PHE A 487 16.31 -0.51 -21.02
CA PHE A 487 15.41 -0.12 -19.94
C PHE A 487 14.87 1.28 -20.26
N PRO A 488 13.55 1.44 -20.44
CA PRO A 488 12.96 2.75 -20.69
C PRO A 488 13.22 3.67 -19.51
N ASP A 489 13.44 4.95 -19.82
CA ASP A 489 13.65 6.02 -18.80
C ASP A 489 12.32 6.77 -18.64
N PHE A 490 11.50 6.41 -17.66
CA PHE A 490 10.15 7.01 -17.52
C PHE A 490 10.24 8.41 -16.88
N THR A 491 11.44 9.01 -16.75
CA THR A 491 11.58 10.44 -16.35
C THR A 491 11.74 11.29 -17.61
N ASN A 492 11.89 10.65 -18.77
CA ASN A 492 12.05 11.33 -20.07
C ASN A 492 10.67 11.58 -20.68
N PRO A 493 10.23 12.85 -20.87
CA PRO A 493 8.92 13.13 -21.48
C PRO A 493 8.70 12.42 -22.83
N THR A 494 9.76 12.17 -23.60
CA THR A 494 9.63 11.44 -24.88
C THR A 494 9.36 9.95 -24.62
N ALA A 495 9.95 9.36 -23.59
CA ALA A 495 9.65 7.96 -23.21
C ALA A 495 8.18 7.88 -22.82
N LEU A 496 7.63 8.88 -22.13
CA LEU A 496 6.20 8.81 -21.73
C LEU A 496 5.33 8.78 -23.00
N ALA A 497 5.66 9.59 -24.00
CA ALA A 497 4.92 9.66 -25.28
C ALA A 497 5.08 8.32 -26.01
N TRP A 498 6.27 7.72 -25.99
CA TRP A 498 6.52 6.43 -26.69
C TRP A 498 5.69 5.31 -25.97
N TRP A 499 5.64 5.34 -24.66
CA TRP A 499 4.94 4.30 -23.84
C TRP A 499 3.43 4.40 -24.09
N GLU A 500 2.92 5.63 -24.13
CA GLU A 500 1.50 5.91 -24.48
C GLU A 500 1.23 5.31 -25.86
N ASP A 501 2.10 5.54 -26.83
CA ASP A 501 1.91 5.01 -28.20
C ASP A 501 1.99 3.47 -28.23
N MET A 502 2.97 2.83 -27.58
CA MET A 502 3.10 1.36 -27.61
C MET A 502 1.84 0.75 -26.97
N VAL A 503 1.41 1.27 -25.83
CA VAL A 503 0.16 0.82 -25.16
C VAL A 503 -1.08 1.00 -26.07
N ALA A 504 -1.28 2.16 -26.72
CA ALA A 504 -2.47 2.44 -27.55
C ALA A 504 -2.42 1.53 -28.78
N GLU A 505 -1.25 1.33 -29.37
CA GLU A 505 -1.13 0.45 -30.57
C GLU A 505 -1.45 -1.00 -30.20
N PHE A 506 -0.96 -1.46 -29.05
CA PHE A 506 -1.24 -2.85 -28.63
C PHE A 506 -2.72 -3.00 -28.28
N HIS A 507 -3.29 -1.98 -27.64
CA HIS A 507 -4.72 -1.96 -27.26
C HIS A 507 -5.62 -2.03 -28.51
N ASP A 508 -5.22 -1.43 -29.62
CA ASP A 508 -5.96 -1.51 -30.92
C ASP A 508 -5.95 -2.96 -31.43
N GLN A 509 -4.97 -3.76 -31.05
CA GLN A 509 -4.91 -5.20 -31.46
C GLN A 509 -5.72 -6.02 -30.46
N VAL A 510 -5.51 -5.78 -29.16
CA VAL A 510 -6.08 -6.61 -28.07
C VAL A 510 -6.61 -5.66 -27.01
N PRO A 511 -7.93 -5.59 -26.78
CA PRO A 511 -8.48 -4.55 -25.93
C PRO A 511 -8.42 -4.90 -24.42
N PHE A 512 -7.20 -4.96 -23.88
CA PHE A 512 -6.95 -5.22 -22.43
C PHE A 512 -7.51 -4.05 -21.62
N ASP A 513 -7.85 -4.30 -20.36
CA ASP A 513 -8.57 -3.33 -19.50
C ASP A 513 -7.67 -2.68 -18.45
N GLY A 514 -6.43 -3.15 -18.33
CA GLY A 514 -5.45 -2.60 -17.38
C GLY A 514 -4.07 -3.16 -17.63
N MET A 515 -3.11 -2.82 -16.79
CA MET A 515 -1.74 -3.33 -16.94
C MET A 515 -1.25 -3.82 -15.59
N TRP A 516 -0.65 -5.00 -15.62
CA TRP A 516 0.09 -5.58 -14.48
C TRP A 516 1.57 -5.29 -14.71
N ILE A 517 2.11 -4.28 -14.04
CA ILE A 517 3.52 -3.88 -14.28
C ILE A 517 4.47 -4.54 -13.26
N ASP A 518 5.21 -5.54 -13.75
CA ASP A 518 6.15 -6.37 -12.97
C ASP A 518 7.60 -5.92 -13.19
N MET A 519 8.54 -6.43 -12.37
CA MET A 519 10.01 -6.34 -12.66
CA MET A 519 10.02 -6.32 -12.60
C MET A 519 10.48 -4.88 -12.76
N ASN A 520 9.83 -3.94 -12.06
CA ASN A 520 10.03 -2.48 -12.25
C ASN A 520 10.81 -1.88 -11.08
N GLU A 521 11.75 -2.65 -10.56
CA GLU A 521 12.70 -2.19 -9.52
C GLU A 521 13.73 -1.20 -10.08
N PRO A 522 14.27 -1.28 -11.31
CA PRO A 522 14.04 -2.35 -12.29
C PRO A 522 14.91 -3.59 -12.03
N SER A 523 14.35 -4.75 -12.31
CA SER A 523 14.97 -6.06 -12.05
C SER A 523 15.85 -6.43 -13.25
N ASN A 524 17.03 -6.95 -12.97
CA ASN A 524 18.03 -7.36 -13.97
C ASN A 524 18.52 -8.75 -13.58
N PHE A 525 18.53 -9.70 -14.51
CA PHE A 525 19.04 -11.06 -14.26
C PHE A 525 20.56 -11.07 -14.14
N ILE A 526 21.25 -10.05 -14.59
CA ILE A 526 22.71 -9.96 -14.38
C ILE A 526 22.96 -8.69 -13.55
N ARG A 527 24.18 -8.50 -13.12
CA ARG A 527 24.60 -7.38 -12.25
C ARG A 527 24.96 -6.17 -13.12
N GLY A 528 24.17 -5.10 -13.03
CA GLY A 528 24.47 -3.81 -13.68
C GLY A 528 24.10 -3.79 -15.15
N SER A 529 24.94 -4.39 -16.00
CA SER A 529 24.72 -4.46 -17.46
C SER A 529 25.56 -5.60 -18.02
N GLU A 530 25.28 -5.97 -19.25
CA GLU A 530 26.07 -6.99 -20.00
C GLU A 530 27.53 -6.56 -20.06
N ASP A 531 27.82 -5.27 -19.89
CA ASP A 531 29.18 -4.67 -20.07
C ASP A 531 29.73 -4.32 -18.69
N GLY A 532 29.08 -4.80 -17.65
CA GLY A 532 29.47 -4.40 -16.29
C GLY A 532 29.17 -2.93 -16.03
N CYS A 533 29.78 -2.41 -15.00
CA CYS A 533 29.61 -1.01 -14.57
C CYS A 533 30.99 -0.40 -14.45
N PRO A 534 31.10 0.91 -14.64
CA PRO A 534 32.36 1.61 -14.41
C PRO A 534 32.71 1.68 -12.90
N ASN A 535 33.98 2.01 -12.65
CA ASN A 535 34.50 2.14 -11.26
C ASN A 535 34.40 3.61 -10.89
N ASN A 536 33.30 4.03 -10.26
CA ASN A 536 33.18 5.46 -9.85
C ASN A 536 32.44 5.50 -8.53
N GLU A 537 32.30 6.70 -7.99
CA GLU A 537 31.81 6.90 -6.61
C GLU A 537 30.30 6.61 -6.51
N LEU A 538 29.55 6.64 -7.62
CA LEU A 538 28.11 6.25 -7.61
C LEU A 538 28.00 4.73 -7.54
N GLU A 539 28.80 4.00 -8.32
CA GLU A 539 28.80 2.51 -8.30
C GLU A 539 29.39 1.99 -6.99
N ASN A 540 30.35 2.71 -6.42
CA ASN A 540 31.12 2.28 -5.22
C ASN A 540 31.11 3.43 -4.22
N PRO A 541 29.98 3.67 -3.53
CA PRO A 541 29.82 4.88 -2.71
C PRO A 541 30.51 4.72 -1.37
N PRO A 542 30.78 5.83 -0.65
CA PRO A 542 31.50 5.74 0.62
C PRO A 542 30.67 5.01 1.68
N TYR A 543 29.35 5.10 1.62
CA TYR A 543 28.46 4.36 2.54
C TYR A 543 27.46 3.56 1.71
N VAL A 544 27.48 2.24 1.88
CA VAL A 544 26.53 1.33 1.20
C VAL A 544 25.53 0.84 2.24
N PRO A 545 24.24 1.20 2.10
CA PRO A 545 23.23 0.73 3.03
C PRO A 545 23.16 -0.80 3.06
N GLY A 546 22.39 -1.35 3.99
CA GLY A 546 22.36 -2.81 4.22
C GLY A 546 21.60 -3.58 3.15
N VAL A 547 21.84 -3.32 1.88
CA VAL A 547 21.07 -3.96 0.78
C VAL A 547 21.48 -5.42 0.64
N VAL A 548 20.56 -6.27 0.21
CA VAL A 548 20.90 -7.66 -0.18
C VAL A 548 21.96 -7.62 -1.28
N GLY A 549 23.06 -8.34 -1.08
CA GLY A 549 24.12 -8.49 -2.09
C GLY A 549 25.21 -7.47 -1.88
N GLY A 550 25.00 -6.51 -0.98
CA GLY A 550 26.07 -5.62 -0.54
C GLY A 550 26.50 -4.63 -1.61
N THR A 551 25.70 -4.46 -2.67
CA THR A 551 26.00 -3.47 -3.74
C THR A 551 24.68 -2.91 -4.27
N LEU A 552 24.66 -1.65 -4.65
CA LEU A 552 23.47 -1.01 -5.27
C LEU A 552 23.18 -1.66 -6.62
N GLN A 553 24.17 -2.29 -7.27
CA GLN A 553 24.02 -2.91 -8.61
C GLN A 553 23.32 -4.28 -8.53
N ALA A 554 23.26 -4.92 -7.38
CA ALA A 554 22.77 -6.32 -7.30
C ALA A 554 21.33 -6.39 -7.79
N ALA A 555 21.07 -7.26 -8.78
CA ALA A 555 19.75 -7.58 -9.35
C ALA A 555 19.14 -6.33 -10.03
N THR A 556 19.97 -5.39 -10.51
CA THR A 556 19.44 -4.14 -11.14
C THR A 556 20.49 -3.59 -12.08
N ILE A 557 20.37 -2.30 -12.43
CA ILE A 557 21.22 -1.68 -13.49
C ILE A 557 22.25 -0.78 -12.83
N CYS A 558 23.24 -0.32 -13.60
CA CYS A 558 24.35 0.49 -13.05
C CYS A 558 23.81 1.74 -12.38
N ALA A 559 24.36 2.07 -11.21
CA ALA A 559 23.94 3.27 -10.46
C ALA A 559 24.34 4.54 -11.20
N SER A 560 25.42 4.52 -11.98
CA SER A 560 25.89 5.73 -12.70
C SER A 560 25.22 5.89 -14.07
N SER A 561 24.25 5.05 -14.42
CA SER A 561 23.53 5.15 -15.71
C SER A 561 22.70 6.43 -15.73
N HIS A 562 22.46 6.95 -16.93
CA HIS A 562 21.87 8.28 -17.17
C HIS A 562 20.37 8.15 -17.41
N GLN A 563 19.61 8.97 -16.69
CA GLN A 563 18.20 9.27 -17.00
C GLN A 563 18.03 10.77 -17.26
N PHE A 564 16.88 11.15 -17.80
CA PHE A 564 16.59 12.56 -18.21
C PHE A 564 16.74 13.47 -17.00
N LEU A 565 16.22 13.10 -15.83
CA LEU A 565 16.21 14.02 -14.65
C LEU A 565 17.51 13.93 -13.86
N SER A 566 18.18 12.78 -13.85
CA SER A 566 19.36 12.56 -12.99
C SER A 566 19.99 11.20 -13.32
N THR A 567 20.96 10.78 -12.52
CA THR A 567 21.53 9.42 -12.57
C THR A 567 20.56 8.43 -11.91
N HIS A 568 20.74 7.17 -12.24
CA HIS A 568 19.94 6.07 -11.65
C HIS A 568 20.17 6.03 -10.15
N TYR A 569 21.36 6.40 -9.71
CA TYR A 569 21.73 6.47 -8.28
C TYR A 569 20.66 7.24 -7.49
N ASN A 570 20.24 8.37 -8.01
CA ASN A 570 19.22 9.23 -7.34
C ASN A 570 17.80 8.76 -7.65
N LEU A 571 17.55 8.15 -8.80
CA LEU A 571 16.17 7.89 -9.27
C LEU A 571 15.71 6.44 -9.11
N HIS A 572 16.60 5.51 -8.79
CA HIS A 572 16.30 4.05 -8.75
C HIS A 572 15.01 3.80 -7.98
N ASN A 573 14.83 4.42 -6.82
CA ASN A 573 13.69 4.06 -5.94
C ASN A 573 12.41 4.65 -6.52
N LEU A 574 12.50 5.49 -7.55
CA LEU A 574 11.33 6.03 -8.27
C LEU A 574 11.04 5.23 -9.53
N TYR A 575 11.86 4.30 -9.94
CA TYR A 575 11.65 3.65 -11.26
C TYR A 575 10.23 3.12 -11.37
N GLY A 576 9.82 2.25 -10.46
CA GLY A 576 8.46 1.67 -10.53
C GLY A 576 7.36 2.73 -10.52
N LEU A 577 7.46 3.70 -9.62
CA LEU A 577 6.51 4.82 -9.53
C LEU A 577 6.42 5.55 -10.86
N THR A 578 7.55 5.87 -11.50
CA THR A 578 7.53 6.60 -12.79
C THR A 578 6.87 5.75 -13.88
N GLU A 579 7.07 4.42 -13.87
CA GLU A 579 6.39 3.55 -14.83
C GLU A 579 4.88 3.48 -14.54
N ALA A 580 4.48 3.57 -13.28
CA ALA A 580 3.04 3.51 -12.90
C ALA A 580 2.34 4.80 -13.39
N ILE A 581 3.01 5.93 -13.22
CA ILE A 581 2.51 7.22 -13.76
C ILE A 581 2.34 7.07 -15.27
N ALA A 582 3.39 6.60 -15.95
CA ALA A 582 3.38 6.55 -17.43
C ALA A 582 2.25 5.63 -17.89
N SER A 583 1.99 4.56 -17.13
CA SER A 583 1.02 3.52 -17.53
C SER A 583 -0.39 4.01 -17.22
N HIS A 584 -0.57 4.72 -16.11
CA HIS A 584 -1.85 5.36 -15.74
C HIS A 584 -2.25 6.32 -16.88
N ARG A 585 -1.32 7.18 -17.33
CA ARG A 585 -1.57 8.15 -18.43
C ARG A 585 -1.89 7.37 -19.72
N ALA A 586 -1.08 6.37 -20.03
CA ALA A 586 -1.23 5.58 -21.27
C ALA A 586 -2.62 4.97 -21.34
N LEU A 587 -3.07 4.38 -20.22
CA LEU A 587 -4.39 3.73 -20.17
C LEU A 587 -5.54 4.74 -20.24
N VAL A 588 -5.41 5.91 -19.62
CA VAL A 588 -6.42 6.99 -19.74
C VAL A 588 -6.56 7.36 -21.22
N LYS A 589 -5.44 7.54 -21.91
CA LYS A 589 -5.44 7.97 -23.31
C LYS A 589 -5.97 6.88 -24.21
N ALA A 590 -5.66 5.63 -23.93
CA ALA A 590 -6.06 4.52 -24.81
C ALA A 590 -7.53 4.18 -24.63
N ARG A 591 -8.06 4.19 -23.40
CA ARG A 591 -9.41 3.64 -23.14
C ARG A 591 -10.44 4.73 -22.80
N GLY A 592 -10.00 5.88 -22.30
CA GLY A 592 -10.90 6.99 -21.93
C GLY A 592 -11.75 6.69 -20.70
N THR A 593 -11.40 5.69 -19.89
CA THR A 593 -12.04 5.39 -18.58
C THR A 593 -10.96 5.23 -17.50
N ARG A 594 -11.36 5.11 -16.24
CA ARG A 594 -10.44 4.97 -15.08
C ARG A 594 -9.41 3.88 -15.34
N PRO A 595 -8.11 4.14 -15.15
CA PRO A 595 -7.11 3.11 -15.34
C PRO A 595 -7.04 2.12 -14.18
N PHE A 596 -6.53 0.95 -14.48
CA PHE A 596 -6.28 -0.11 -13.47
C PHE A 596 -4.86 -0.64 -13.66
N VAL A 597 -3.94 -0.10 -12.85
CA VAL A 597 -2.51 -0.49 -12.87
C VAL A 597 -2.16 -1.17 -11.54
N ILE A 598 -1.58 -2.35 -11.64
CA ILE A 598 -1.05 -3.10 -10.45
C ILE A 598 0.46 -3.23 -10.61
N SER A 599 1.21 -2.66 -9.66
CA SER A 599 2.68 -2.48 -9.77
C SER A 599 3.38 -3.29 -8.68
N ARG A 600 4.56 -3.82 -9.00
CA ARG A 600 5.38 -4.52 -7.98
C ARG A 600 6.13 -3.46 -7.19
N SER A 601 6.98 -2.70 -7.88
CA SER A 601 7.82 -1.70 -7.23
C SER A 601 7.02 -0.41 -7.01
N THR A 602 7.25 0.22 -5.86
CA THR A 602 6.51 1.42 -5.46
C THR A 602 7.47 2.39 -4.75
N PHE A 603 6.99 3.60 -4.57
CA PHE A 603 7.61 4.68 -3.79
C PHE A 603 6.48 5.49 -3.18
N ALA A 604 6.80 6.29 -2.18
CA ALA A 604 5.81 7.16 -1.54
C ALA A 604 5.02 7.88 -2.61
N GLY A 605 3.69 7.86 -2.49
CA GLY A 605 2.78 8.58 -3.40
C GLY A 605 2.35 7.70 -4.57
N HIS A 606 2.72 6.44 -4.55
CA HIS A 606 2.33 5.47 -5.60
C HIS A 606 0.81 5.34 -5.69
N GLY A 607 0.10 5.42 -4.56
CA GLY A 607 -1.34 5.11 -4.47
C GLY A 607 -2.18 6.12 -5.25
N ARG A 608 -1.59 7.27 -5.57
CA ARG A 608 -2.24 8.30 -6.42
C ARG A 608 -2.43 7.75 -7.83
N TYR A 609 -1.67 6.73 -8.20
CA TYR A 609 -1.66 6.28 -9.61
C TYR A 609 -2.01 4.81 -9.76
N ALA A 610 -1.71 3.98 -8.76
CA ALA A 610 -1.77 2.51 -8.98
C ALA A 610 -1.96 1.75 -7.66
N GLY A 611 -2.17 0.47 -7.81
CA GLY A 611 -2.18 -0.49 -6.71
C GLY A 611 -0.91 -1.30 -6.71
N HIS A 612 -0.87 -2.29 -5.82
CA HIS A 612 0.34 -3.06 -5.51
C HIS A 612 -0.06 -4.46 -5.08
N TRP A 613 0.71 -5.47 -5.49
CA TRP A 613 0.61 -6.81 -4.83
C TRP A 613 1.97 -7.09 -4.19
N THR A 614 1.99 -7.95 -3.18
CA THR A 614 3.16 -8.06 -2.27
C THR A 614 4.24 -8.95 -2.87
N GLY A 615 4.06 -9.46 -4.07
CA GLY A 615 5.15 -10.14 -4.79
C GLY A 615 5.18 -11.65 -4.59
N ASP A 616 6.39 -12.23 -4.60
CA ASP A 616 6.61 -13.68 -4.77
C ASP A 616 6.54 -14.36 -3.38
N VAL A 617 5.36 -14.36 -2.78
CA VAL A 617 5.18 -14.92 -1.42
C VAL A 617 5.09 -16.44 -1.55
N TRP A 618 5.72 -17.15 -0.62
CA TRP A 618 5.60 -18.62 -0.48
C TRP A 618 4.16 -19.00 -0.12
N SER A 619 3.74 -20.15 -0.62
CA SER A 619 2.47 -20.81 -0.19
C SER A 619 2.70 -21.45 1.17
N SER A 620 2.77 -20.64 2.22
CA SER A 620 3.09 -21.09 3.60
C SER A 620 2.16 -20.40 4.57
N TRP A 621 1.91 -21.03 5.72
CA TRP A 621 1.11 -20.43 6.80
C TRP A 621 1.81 -19.16 7.27
N GLU A 622 3.13 -19.15 7.33
CA GLU A 622 3.87 -17.94 7.82
C GLU A 622 3.61 -16.76 6.86
N GLN A 623 3.60 -16.98 5.54
CA GLN A 623 3.34 -15.87 4.57
C GLN A 623 1.85 -15.46 4.59
N LEU A 624 0.92 -16.39 4.77
CA LEU A 624 -0.50 -16.03 5.01
C LEU A 624 -0.54 -15.02 6.15
N ALA A 625 0.04 -15.37 7.28
CA ALA A 625 0.00 -14.53 8.50
C ALA A 625 0.68 -13.18 8.22
N SER A 626 1.84 -13.22 7.56
CA SER A 626 2.64 -11.99 7.29
C SER A 626 1.89 -11.05 6.35
N SER A 627 1.01 -11.57 5.49
CA SER A 627 0.22 -10.73 4.55
C SER A 627 -0.65 -9.71 5.30
N VAL A 628 -1.14 -10.00 6.52
CA VAL A 628 -2.10 -9.06 7.16
C VAL A 628 -1.39 -7.75 7.52
N PRO A 629 -0.25 -7.77 8.25
CA PRO A 629 0.47 -6.55 8.54
C PRO A 629 0.94 -5.84 7.25
N GLU A 630 1.33 -6.57 6.22
CA GLU A 630 1.82 -5.90 4.98
C GLU A 630 0.66 -5.16 4.28
N ILE A 631 -0.54 -5.73 4.24
CA ILE A 631 -1.72 -5.08 3.61
C ILE A 631 -2.07 -3.84 4.43
N LEU A 632 -2.07 -3.95 5.75
CA LEU A 632 -2.35 -2.80 6.65
C LEU A 632 -1.27 -1.73 6.44
N GLN A 633 -0.02 -2.13 6.34
CA GLN A 633 1.07 -1.14 6.18
C GLN A 633 0.83 -0.33 4.91
N PHE A 634 0.54 -0.96 3.77
CA PHE A 634 0.31 -0.26 2.49
C PHE A 634 -0.92 0.66 2.57
N ASN A 635 -1.94 0.31 3.34
CA ASN A 635 -3.10 1.21 3.52
C ASN A 635 -2.64 2.48 4.25
N LEU A 636 -1.80 2.34 5.28
CA LEU A 636 -1.31 3.52 6.02
C LEU A 636 -0.45 4.41 5.10
N LEU A 637 0.12 3.85 4.03
CA LEU A 637 1.04 4.58 3.11
C LEU A 637 0.28 5.11 1.89
N GLY A 638 -1.05 4.98 1.87
CA GLY A 638 -1.90 5.54 0.80
C GLY A 638 -1.95 4.68 -0.43
N VAL A 639 -1.67 3.39 -0.31
CA VAL A 639 -1.82 2.40 -1.41
C VAL A 639 -2.85 1.39 -0.96
N PRO A 640 -4.14 1.79 -0.85
CA PRO A 640 -5.15 0.89 -0.30
C PRO A 640 -5.47 -0.25 -1.27
N LEU A 641 -5.22 -0.04 -2.57
CA LEU A 641 -5.46 -1.13 -3.55
C LEU A 641 -4.28 -2.09 -3.52
N VAL A 642 -4.29 -3.01 -2.56
CA VAL A 642 -3.14 -3.89 -2.24
C VAL A 642 -3.68 -5.25 -1.80
N GLY A 643 -2.91 -6.28 -2.12
CA GLY A 643 -3.18 -7.65 -1.70
C GLY A 643 -1.98 -8.53 -1.92
N ALA A 644 -2.08 -9.76 -1.42
CA ALA A 644 -1.06 -10.81 -1.66
C ALA A 644 -1.69 -11.82 -2.63
N ASP A 645 -0.87 -12.59 -3.32
CA ASP A 645 -1.35 -13.68 -4.19
C ASP A 645 -2.10 -14.68 -3.32
N VAL A 646 -3.40 -14.79 -3.52
CA VAL A 646 -4.28 -15.68 -2.68
C VAL A 646 -3.90 -17.15 -2.89
N CYS A 647 -3.64 -17.84 -1.76
CA CYS A 647 -3.13 -19.23 -1.62
C CYS A 647 -1.62 -19.28 -1.78
N GLY A 648 -0.99 -18.12 -1.97
CA GLY A 648 0.47 -18.03 -2.16
C GLY A 648 0.90 -18.21 -3.58
N PHE A 649 2.10 -17.73 -3.89
CA PHE A 649 2.66 -17.77 -5.26
C PHE A 649 3.63 -18.94 -5.42
N LEU A 650 4.71 -18.96 -4.65
CA LEU A 650 5.80 -19.94 -4.80
C LEU A 650 5.38 -21.28 -4.16
N GLY A 651 5.85 -22.36 -4.76
CA GLY A 651 5.66 -23.72 -4.21
C GLY A 651 4.22 -24.14 -4.33
N ASN A 652 3.87 -25.20 -3.60
CA ASN A 652 2.54 -25.83 -3.71
C ASN A 652 1.69 -25.48 -2.52
N THR A 653 0.45 -25.03 -2.76
CA THR A 653 -0.47 -24.70 -1.66
C THR A 653 -1.00 -26.04 -1.13
N SER A 654 -1.66 -26.03 0.02
CA SER A 654 -2.46 -27.20 0.45
C SER A 654 -3.93 -26.76 0.38
N GLU A 655 -4.84 -27.73 0.42
CA GLU A 655 -6.27 -27.40 0.48
C GLU A 655 -6.55 -26.53 1.69
N GLU A 656 -6.11 -26.94 2.89
CA GLU A 656 -6.44 -26.20 4.11
C GLU A 656 -5.92 -24.76 4.01
N LEU A 657 -4.68 -24.61 3.57
CA LEU A 657 -4.06 -23.26 3.48
C LEU A 657 -4.85 -22.43 2.47
N CYS A 658 -5.21 -23.03 1.33
CA CYS A 658 -6.00 -22.32 0.29
C CYS A 658 -7.39 -21.90 0.81
N VAL A 659 -8.06 -22.70 1.63
CA VAL A 659 -9.33 -22.28 2.25
C VAL A 659 -9.09 -21.05 3.15
N ARG A 660 -8.13 -21.15 4.06
CA ARG A 660 -7.87 -20.07 5.02
C ARG A 660 -7.41 -18.83 4.24
N TRP A 661 -6.62 -19.04 3.20
CA TRP A 661 -6.06 -17.87 2.47
C TRP A 661 -7.20 -17.19 1.67
N THR A 662 -8.11 -17.96 1.09
CA THR A 662 -9.27 -17.41 0.34
C THR A 662 -10.13 -16.62 1.31
N GLN A 663 -10.39 -17.18 2.50
CA GLN A 663 -11.21 -16.52 3.53
C GLN A 663 -10.63 -15.17 3.91
N LEU A 664 -9.32 -15.09 4.17
CA LEU A 664 -8.70 -13.81 4.59
C LEU A 664 -8.54 -12.95 3.32
N GLY A 665 -8.15 -13.57 2.21
CA GLY A 665 -7.87 -12.86 0.97
C GLY A 665 -9.11 -12.18 0.39
N ALA A 666 -10.30 -12.67 0.70
CA ALA A 666 -11.56 -12.02 0.30
C ALA A 666 -11.70 -10.69 1.03
N PHE A 667 -10.85 -10.39 2.03
CA PHE A 667 -10.82 -9.07 2.70
C PHE A 667 -9.55 -8.28 2.33
N TYR A 668 -8.77 -8.74 1.35
CA TYR A 668 -7.74 -7.86 0.74
C TYR A 668 -8.48 -6.87 -0.15
N PRO A 669 -8.17 -5.55 -0.11
CA PRO A 669 -8.83 -4.61 -1.00
C PRO A 669 -8.61 -5.02 -2.47
N PHE A 670 -7.45 -5.58 -2.81
CA PHE A 670 -7.16 -6.14 -4.16
C PHE A 670 -7.08 -7.65 -4.00
N MET A 671 -7.97 -8.40 -4.63
CA MET A 671 -8.07 -9.85 -4.41
C MET A 671 -7.76 -10.61 -5.69
N ARG A 672 -6.57 -11.15 -5.77
CA ARG A 672 -6.15 -11.96 -6.92
C ARG A 672 -5.52 -13.25 -6.40
N ASN A 673 -5.88 -14.35 -7.05
CA ASN A 673 -5.24 -15.66 -6.88
C ASN A 673 -4.28 -15.77 -8.06
N HIS A 674 -2.99 -15.92 -7.75
CA HIS A 674 -1.92 -16.02 -8.76
C HIS A 674 -0.96 -17.11 -8.26
N ASN A 675 -0.33 -17.78 -9.21
CA ASN A 675 0.36 -19.08 -9.02
C ASN A 675 1.51 -19.22 -9.99
N SER A 676 2.60 -19.84 -9.55
CA SER A 676 3.85 -19.90 -10.34
CA SER A 676 3.86 -19.92 -10.33
C SER A 676 3.77 -21.07 -11.33
N LEU A 677 4.68 -21.07 -12.26
CA LEU A 677 4.75 -21.99 -13.41
C LEU A 677 4.76 -23.47 -12.99
N LEU A 678 5.54 -23.84 -11.97
CA LEU A 678 5.79 -25.28 -11.66
C LEU A 678 4.88 -25.74 -10.51
N SER A 679 3.93 -24.92 -10.09
CA SER A 679 3.03 -25.23 -8.96
C SER A 679 1.86 -26.13 -9.41
N LEU A 680 1.32 -26.86 -8.45
CA LEU A 680 -0.01 -27.47 -8.60
C LEU A 680 -1.06 -26.39 -8.73
N PRO A 681 -2.16 -26.70 -9.43
CA PRO A 681 -3.24 -25.76 -9.67
C PRO A 681 -3.86 -25.35 -8.34
N GLN A 682 -4.29 -24.09 -8.23
CA GLN A 682 -4.99 -23.60 -7.02
C GLN A 682 -6.18 -22.69 -7.34
N GLU A 683 -6.81 -22.85 -8.52
CA GLU A 683 -8.09 -22.19 -8.83
C GLU A 683 -9.12 -22.81 -7.88
N PRO A 684 -10.14 -22.03 -7.46
CA PRO A 684 -11.16 -22.50 -6.51
C PRO A 684 -11.83 -23.82 -6.91
N TYR A 685 -12.00 -24.04 -8.21
CA TYR A 685 -12.69 -25.24 -8.77
C TYR A 685 -11.79 -26.46 -8.73
N SER A 686 -10.53 -26.32 -8.29
CA SER A 686 -9.56 -27.43 -8.38
C SER A 686 -9.52 -28.18 -7.03
N PHE A 687 -10.36 -27.83 -6.07
CA PHE A 687 -10.31 -28.42 -4.70
C PHE A 687 -11.52 -29.31 -4.48
N SER A 688 -11.54 -29.95 -3.31
CA SER A 688 -12.63 -30.88 -2.91
C SER A 688 -13.93 -30.09 -2.77
N GLU A 689 -15.06 -30.79 -2.64
CA GLU A 689 -16.39 -30.11 -2.65
C GLU A 689 -16.52 -29.21 -1.44
N PRO A 690 -16.12 -29.68 -0.23
CA PRO A 690 -16.23 -28.85 0.96
C PRO A 690 -15.30 -27.63 0.90
N ALA A 691 -14.11 -27.81 0.32
CA ALA A 691 -13.17 -26.68 0.15
C ALA A 691 -13.77 -25.65 -0.83
N GLN A 692 -14.36 -26.13 -1.93
CA GLN A 692 -15.10 -25.27 -2.91
C GLN A 692 -16.23 -24.52 -2.21
N GLN A 693 -17.04 -25.15 -1.37
CA GLN A 693 -18.16 -24.45 -0.72
C GLN A 693 -17.62 -23.34 0.16
N ALA A 694 -16.53 -23.59 0.89
CA ALA A 694 -15.96 -22.55 1.79
C ALA A 694 -15.42 -21.37 0.94
N MET A 695 -14.78 -21.67 -0.17
CA MET A 695 -14.19 -20.62 -1.06
C MET A 695 -15.31 -19.85 -1.76
N ARG A 696 -16.41 -20.53 -2.10
CA ARG A 696 -17.56 -19.89 -2.77
C ARG A 696 -18.25 -18.93 -1.78
N LYS A 697 -18.39 -19.33 -0.53
CA LYS A 697 -18.97 -18.46 0.52
C LYS A 697 -18.11 -17.21 0.70
N ALA A 698 -16.80 -17.36 0.77
CA ALA A 698 -15.89 -16.20 0.90
C ALA A 698 -16.08 -15.23 -0.28
N LEU A 699 -16.13 -15.75 -1.51
CA LEU A 699 -16.27 -14.90 -2.71
C LEU A 699 -17.66 -14.27 -2.73
N THR A 700 -18.71 -15.00 -2.32
CA THR A 700 -20.11 -14.50 -2.28
C THR A 700 -20.18 -13.34 -1.31
N LEU A 701 -19.56 -13.49 -0.14
CA LEU A 701 -19.61 -12.43 0.90
C LEU A 701 -18.89 -11.18 0.36
N ARG A 702 -17.73 -11.37 -0.28
CA ARG A 702 -17.01 -10.19 -0.84
C ARG A 702 -17.92 -9.46 -1.84
N TYR A 703 -18.51 -10.19 -2.79
CA TYR A 703 -19.40 -9.56 -3.81
C TYR A 703 -20.55 -8.83 -3.15
N ALA A 704 -21.14 -9.39 -2.07
CA ALA A 704 -22.28 -8.78 -1.38
C ALA A 704 -21.84 -7.48 -0.73
N LEU A 705 -20.57 -7.39 -0.32
CA LEU A 705 -20.01 -6.19 0.38
C LEU A 705 -19.46 -5.13 -0.61
N LEU A 706 -19.38 -5.43 -1.91
CA LEU A 706 -18.71 -4.53 -2.89
C LEU A 706 -19.24 -3.10 -2.86
N PRO A 707 -20.56 -2.81 -2.70
CA PRO A 707 -21.01 -1.42 -2.59
C PRO A 707 -20.37 -0.69 -1.40
N HIS A 708 -20.18 -1.41 -0.30
CA HIS A 708 -19.50 -0.92 0.93
C HIS A 708 -18.00 -0.73 0.64
N LEU A 709 -17.36 -1.73 0.06
CA LEU A 709 -15.89 -1.62 -0.23
C LEU A 709 -15.64 -0.47 -1.22
N TYR A 710 -16.49 -0.30 -2.22
CA TYR A 710 -16.40 0.83 -3.19
C TYR A 710 -16.58 2.19 -2.51
N THR A 711 -17.50 2.26 -1.56
CA THR A 711 -17.70 3.47 -0.73
C THR A 711 -16.44 3.76 0.09
N LEU A 712 -15.81 2.71 0.63
CA LEU A 712 -14.58 2.91 1.42
C LEU A 712 -13.51 3.45 0.46
N PHE A 713 -13.45 2.96 -0.77
CA PHE A 713 -12.45 3.48 -1.74
C PHE A 713 -12.76 4.94 -2.07
N HIS A 714 -14.03 5.32 -2.14
CA HIS A 714 -14.43 6.72 -2.39
C HIS A 714 -13.87 7.58 -1.25
N GLN A 715 -14.00 7.14 0.01
CA GLN A 715 -13.52 7.91 1.19
C GLN A 715 -11.98 8.01 1.16
N ALA A 716 -11.27 6.98 0.66
CA ALA A 716 -9.78 7.02 0.54
C ALA A 716 -9.46 8.11 -0.49
N HIS A 717 -10.14 8.07 -1.61
CA HIS A 717 -9.91 8.97 -2.76
C HIS A 717 -10.26 10.41 -2.41
N VAL A 718 -11.29 10.69 -1.61
CA VAL A 718 -11.70 12.12 -1.39
C VAL A 718 -11.17 12.67 -0.07
N ALA A 719 -10.79 11.82 0.88
CA ALA A 719 -10.48 12.29 2.24
C ALA A 719 -9.22 11.62 2.80
N GLY A 720 -8.49 10.80 2.02
CA GLY A 720 -7.21 10.23 2.50
C GLY A 720 -7.42 9.17 3.58
N GLU A 721 -8.58 8.56 3.59
CA GLU A 721 -8.92 7.48 4.54
C GLU A 721 -8.21 6.20 4.11
N THR A 722 -8.05 5.26 5.03
CA THR A 722 -7.59 3.88 4.75
C THR A 722 -8.82 3.06 4.38
N VAL A 723 -8.60 1.96 3.68
CA VAL A 723 -9.67 0.99 3.37
C VAL A 723 -9.56 -0.15 4.37
N ALA A 724 -8.49 -0.94 4.30
CA ALA A 724 -8.16 -1.94 5.33
C ALA A 724 -7.32 -1.23 6.39
N ARG A 725 -7.73 -1.30 7.64
CA ARG A 725 -7.01 -0.52 8.69
C ARG A 725 -6.79 -1.34 9.94
N PRO A 726 -5.68 -1.06 10.64
CA PRO A 726 -5.35 -1.77 11.87
C PRO A 726 -6.28 -1.27 12.98
N LEU A 727 -6.53 -2.10 13.98
CA LEU A 727 -7.45 -1.72 15.08
C LEU A 727 -6.95 -0.42 15.72
N PHE A 728 -5.62 -0.21 15.80
CA PHE A 728 -5.04 0.97 16.53
C PHE A 728 -5.38 2.25 15.78
N LEU A 729 -5.66 2.18 14.46
CA LEU A 729 -6.09 3.39 13.71
C LEU A 729 -7.51 3.80 14.12
N GLU A 730 -8.34 2.84 14.46
CA GLU A 730 -9.75 3.12 14.80
C GLU A 730 -9.92 3.29 16.31
N PHE A 731 -9.12 2.61 17.12
CA PHE A 731 -9.21 2.66 18.60
C PHE A 731 -7.85 2.99 19.21
N PRO A 732 -7.26 4.15 18.85
CA PRO A 732 -5.90 4.47 19.30
C PRO A 732 -5.78 4.71 20.82
N LYS A 733 -6.87 5.02 21.49
CA LYS A 733 -6.86 5.31 22.96
C LYS A 733 -6.93 4.03 23.77
N ASP A 734 -7.07 2.89 23.11
CA ASP A 734 -7.02 1.55 23.74
C ASP A 734 -5.67 0.94 23.39
N SER A 735 -4.71 1.03 24.31
CA SER A 735 -3.31 0.64 24.08
C SER A 735 -3.24 -0.86 23.77
N SER A 736 -4.23 -1.67 24.15
CA SER A 736 -4.21 -3.11 23.82
C SER A 736 -4.23 -3.30 22.30
N THR A 737 -4.71 -2.33 21.52
CA THR A 737 -4.80 -2.50 20.05
C THR A 737 -3.41 -2.27 19.42
N TRP A 738 -2.47 -1.68 20.13
CA TRP A 738 -1.25 -1.13 19.45
C TRP A 738 -0.44 -2.22 18.75
N THR A 739 -0.41 -3.44 19.28
CA THR A 739 0.43 -4.52 18.70
C THR A 739 -0.43 -5.49 17.89
N VAL A 740 -1.71 -5.21 17.68
CA VAL A 740 -2.57 -6.16 16.94
C VAL A 740 -2.34 -5.95 15.44
N ASP A 741 -1.91 -7.00 14.75
CA ASP A 741 -1.72 -6.93 13.30
C ASP A 741 -2.11 -8.25 12.65
N HIS A 742 -2.88 -9.13 13.34
CA HIS A 742 -3.41 -10.36 12.69
C HIS A 742 -4.95 -10.32 12.65
N GLN A 743 -5.49 -9.16 13.01
CA GLN A 743 -6.88 -8.75 12.72
C GLN A 743 -6.83 -7.52 11.83
N LEU A 744 -7.92 -7.21 11.14
CA LEU A 744 -8.05 -5.96 10.37
C LEU A 744 -9.47 -5.48 10.39
N LEU A 745 -9.61 -4.19 10.15
CA LEU A 745 -10.93 -3.58 9.90
C LEU A 745 -11.04 -3.30 8.40
N TRP A 746 -12.24 -3.45 7.85
CA TRP A 746 -12.62 -2.61 6.69
C TRP A 746 -13.29 -1.35 7.24
N GLY A 747 -12.76 -0.18 6.92
CA GLY A 747 -13.30 1.08 7.45
C GLY A 747 -13.43 1.03 8.96
N GLU A 748 -14.49 1.64 9.48
CA GLU A 748 -14.68 1.84 10.93
C GLU A 748 -15.33 0.60 11.54
N ALA A 749 -16.03 -0.23 10.75
CA ALA A 749 -17.13 -1.05 11.32
C ALA A 749 -16.99 -2.54 11.10
N LEU A 750 -16.17 -3.02 10.16
CA LEU A 750 -16.14 -4.47 9.88
C LEU A 750 -14.84 -5.06 10.41
N LEU A 751 -14.93 -5.92 11.40
CA LEU A 751 -13.75 -6.53 12.06
C LEU A 751 -13.60 -7.95 11.56
N ILE A 752 -12.45 -8.22 11.01
CA ILE A 752 -12.16 -9.56 10.44
C ILE A 752 -11.09 -10.24 11.30
N THR A 753 -11.42 -11.41 11.84
CA THR A 753 -10.52 -12.19 12.72
C THR A 753 -10.23 -13.53 12.07
N PRO A 754 -9.18 -13.61 11.21
CA PRO A 754 -8.93 -14.82 10.45
C PRO A 754 -8.19 -15.89 11.26
N VAL A 755 -8.40 -17.14 10.88
CA VAL A 755 -7.51 -18.25 11.28
C VAL A 755 -6.29 -18.21 10.36
N LEU A 756 -5.10 -18.22 10.95
CA LEU A 756 -3.83 -18.03 10.20
C LEU A 756 -2.84 -19.15 10.48
N GLN A 757 -3.33 -20.26 11.02
CA GLN A 757 -2.50 -21.43 11.37
C GLN A 757 -3.22 -22.73 10.99
N ALA A 758 -2.45 -23.75 10.63
CA ALA A 758 -2.96 -25.09 10.26
C ALA A 758 -3.58 -25.76 11.50
N GLY A 759 -4.64 -26.54 11.29
CA GLY A 759 -5.20 -27.42 12.33
C GLY A 759 -5.96 -26.65 13.39
N LYS A 760 -6.34 -25.39 13.17
CA LYS A 760 -7.12 -24.64 14.19
C LYS A 760 -8.61 -24.66 13.85
N ALA A 761 -9.45 -24.83 14.88
CA ALA A 761 -10.92 -24.73 14.75
C ALA A 761 -11.41 -23.57 15.60
N GLU A 762 -10.50 -22.73 16.07
CA GLU A 762 -10.91 -21.52 16.83
C GLU A 762 -9.81 -20.47 16.70
N VAL A 763 -10.12 -19.25 17.10
CA VAL A 763 -9.15 -18.13 17.00
C VAL A 763 -9.49 -17.19 18.14
N THR A 764 -8.45 -16.56 18.67
CA THR A 764 -8.57 -15.53 19.72
C THR A 764 -8.22 -14.18 19.11
N GLY A 765 -9.17 -13.25 19.16
CA GLY A 765 -8.98 -11.90 18.62
C GLY A 765 -9.31 -10.87 19.65
N TYR A 766 -8.79 -9.67 19.45
CA TYR A 766 -9.11 -8.54 20.35
C TYR A 766 -10.38 -7.84 19.87
N PHE A 767 -11.30 -7.56 20.79
CA PHE A 767 -12.56 -6.81 20.54
C PHE A 767 -12.53 -5.55 21.37
N PRO A 768 -12.41 -4.36 20.73
CA PRO A 768 -12.49 -3.09 21.45
C PRO A 768 -13.86 -2.98 22.15
N LEU A 769 -13.91 -2.09 23.13
CA LEU A 769 -15.12 -1.80 23.92
C LEU A 769 -16.28 -1.51 22.95
N GLY A 770 -17.40 -2.21 23.14
CA GLY A 770 -18.64 -2.02 22.36
C GLY A 770 -19.27 -3.35 22.03
N THR A 771 -20.36 -3.30 21.26
CA THR A 771 -21.07 -4.51 20.81
C THR A 771 -20.61 -4.81 19.39
N TRP A 772 -20.32 -6.07 19.14
CA TRP A 772 -19.90 -6.56 17.81
C TRP A 772 -20.84 -7.69 17.40
N TYR A 773 -21.63 -7.48 16.33
CA TYR A 773 -22.60 -8.47 15.83
C TYR A 773 -21.89 -9.43 14.90
N ASP A 774 -22.21 -10.72 15.00
CA ASP A 774 -21.69 -11.75 14.08
C ASP A 774 -22.38 -11.55 12.73
N LEU A 775 -21.61 -11.31 11.67
CA LEU A 775 -22.20 -11.02 10.33
C LEU A 775 -22.96 -12.25 9.81
N GLN A 776 -22.65 -13.43 10.33
CA GLN A 776 -23.42 -14.65 9.98
C GLN A 776 -24.91 -14.52 10.35
N THR A 777 -25.32 -13.53 11.14
CA THR A 777 -26.75 -13.35 11.49
C THR A 777 -27.44 -12.49 10.42
N VAL A 778 -26.69 -12.01 9.43
CA VAL A 778 -27.26 -11.23 8.30
C VAL A 778 -27.49 -12.19 7.15
N PRO A 779 -28.74 -12.38 6.66
CA PRO A 779 -28.97 -13.18 5.45
C PRO A 779 -28.19 -12.65 4.23
N ILE A 780 -27.46 -13.53 3.53
CA ILE A 780 -26.68 -13.19 2.30
C ILE A 780 -27.12 -14.12 1.14
N ARG A 794 -21.41 -20.29 19.03
CA ARG A 794 -21.35 -18.98 18.31
C ARG A 794 -22.41 -18.01 18.87
N GLU A 795 -21.97 -16.89 19.41
CA GLU A 795 -22.80 -15.81 19.96
C GLU A 795 -23.24 -14.90 18.82
N PRO A 796 -24.52 -14.47 18.77
CA PRO A 796 -24.97 -13.47 17.80
C PRO A 796 -24.31 -12.09 18.01
N ALA A 797 -23.97 -11.73 19.26
CA ALA A 797 -23.36 -10.43 19.57
C ALA A 797 -22.27 -10.65 20.63
N ILE A 798 -21.06 -10.17 20.38
CA ILE A 798 -20.00 -10.07 21.43
C ILE A 798 -20.14 -8.71 22.12
N HIS A 799 -20.44 -8.72 23.41
CA HIS A 799 -20.51 -7.47 24.23
C HIS A 799 -19.16 -7.30 24.92
N SER A 800 -18.25 -6.51 24.34
CA SER A 800 -16.84 -6.44 24.77
C SER A 800 -16.65 -5.24 25.71
N GLU A 801 -15.85 -5.45 26.75
CA GLU A 801 -15.35 -4.34 27.61
C GLU A 801 -13.99 -3.87 27.09
N GLY A 802 -13.53 -4.40 25.94
CA GLY A 802 -12.15 -4.23 25.47
C GLY A 802 -11.32 -5.42 25.94
N GLN A 803 -11.33 -6.52 25.19
CA GLN A 803 -10.80 -7.78 25.71
C GLN A 803 -10.57 -8.73 24.57
N TRP A 804 -9.76 -9.75 24.84
CA TRP A 804 -9.51 -10.91 23.95
C TRP A 804 -10.67 -11.88 24.08
N VAL A 805 -11.14 -12.41 22.96
CA VAL A 805 -12.29 -13.34 22.91
C VAL A 805 -11.91 -14.51 22.02
N THR A 806 -12.13 -15.75 22.48
CA THR A 806 -11.91 -16.98 21.70
C THR A 806 -13.18 -17.27 20.91
N LEU A 807 -13.07 -17.39 19.59
CA LEU A 807 -14.24 -17.54 18.68
C LEU A 807 -14.17 -18.94 18.09
N PRO A 808 -15.32 -19.62 17.89
CA PRO A 808 -15.32 -20.82 17.06
C PRO A 808 -14.88 -20.38 15.65
N ALA A 809 -14.09 -21.21 14.98
CA ALA A 809 -13.57 -20.95 13.62
C ALA A 809 -13.29 -22.27 12.91
N PRO A 810 -14.33 -23.10 12.63
CA PRO A 810 -14.14 -24.28 11.81
C PRO A 810 -13.65 -23.90 10.41
N LEU A 811 -13.16 -24.89 9.66
CA LEU A 811 -12.45 -24.68 8.39
C LEU A 811 -13.39 -23.95 7.40
N ASP A 812 -14.70 -24.11 7.50
CA ASP A 812 -15.67 -23.46 6.55
C ASP A 812 -16.02 -22.03 6.97
N THR A 813 -15.35 -21.49 7.99
CA THR A 813 -15.75 -20.20 8.61
C THR A 813 -14.58 -19.23 8.64
N ILE A 814 -14.86 -17.96 8.41
CA ILE A 814 -13.99 -16.86 8.92
C ILE A 814 -14.85 -15.96 9.76
N ASN A 815 -14.33 -15.53 10.88
CA ASN A 815 -15.06 -14.60 11.77
C ASN A 815 -15.07 -13.20 11.18
N VAL A 816 -16.25 -12.63 11.08
CA VAL A 816 -16.47 -11.21 10.65
C VAL A 816 -17.54 -10.63 11.57
N HIS A 817 -17.26 -9.50 12.19
CA HIS A 817 -18.17 -8.83 13.15
C HIS A 817 -18.42 -7.43 12.67
N LEU A 818 -19.67 -6.99 12.79
CA LEU A 818 -20.11 -5.60 12.50
C LEU A 818 -20.29 -4.82 13.78
N ARG A 819 -19.61 -3.69 13.84
CA ARG A 819 -19.63 -2.74 14.98
C ARG A 819 -21.03 -2.15 15.17
N ALA A 820 -21.54 -2.18 16.40
CA ALA A 820 -22.81 -1.48 16.73
C ALA A 820 -22.66 0.00 16.42
N GLY A 821 -23.66 0.61 15.76
CA GLY A 821 -23.69 2.04 15.39
C GLY A 821 -23.49 2.26 13.90
N TYR A 822 -23.40 1.18 13.13
CA TYR A 822 -23.04 1.25 11.69
C TYR A 822 -24.05 0.52 10.82
N ILE A 823 -24.30 1.09 9.64
CA ILE A 823 -25.18 0.56 8.57
C ILE A 823 -24.29 0.28 7.35
N ILE A 824 -24.35 -0.92 6.83
CA ILE A 824 -23.55 -1.38 5.66
C ILE A 824 -24.51 -1.60 4.49
N PRO A 825 -24.22 -1.05 3.30
CA PRO A 825 -24.99 -1.36 2.08
C PRO A 825 -24.43 -2.65 1.52
N LEU A 826 -25.31 -3.52 1.04
CA LEU A 826 -24.95 -4.79 0.36
C LEU A 826 -25.70 -4.86 -0.97
N GLN A 827 -25.26 -5.74 -1.86
CA GLN A 827 -25.97 -5.92 -3.15
C GLN A 827 -26.04 -7.41 -3.44
N GLY A 828 -27.06 -7.82 -4.16
CA GLY A 828 -27.29 -9.21 -4.54
C GLY A 828 -26.15 -9.77 -5.37
N PRO A 829 -26.24 -11.09 -5.59
CA PRO A 829 -25.12 -11.88 -6.11
C PRO A 829 -24.99 -11.81 -7.62
N GLY A 830 -23.81 -12.17 -8.10
CA GLY A 830 -23.49 -12.28 -9.52
C GLY A 830 -22.17 -12.98 -9.70
N LEU A 831 -21.90 -13.51 -10.88
CA LEU A 831 -20.58 -14.10 -11.17
C LEU A 831 -19.65 -13.00 -11.68
N THR A 832 -20.17 -11.80 -11.95
CA THR A 832 -19.36 -10.60 -12.30
C THR A 832 -20.01 -9.37 -11.67
N THR A 833 -19.27 -8.25 -11.59
CA THR A 833 -19.83 -6.97 -11.11
C THR A 833 -20.79 -6.41 -12.17
N THR A 834 -20.64 -6.84 -13.42
CA THR A 834 -21.57 -6.45 -14.50
C THR A 834 -22.96 -6.97 -14.15
N GLU A 835 -23.03 -8.16 -13.61
CA GLU A 835 -24.28 -8.82 -13.16
C GLU A 835 -24.68 -8.29 -11.76
N SER A 836 -23.77 -8.26 -10.80
CA SER A 836 -24.08 -7.93 -9.39
C SER A 836 -24.62 -6.50 -9.31
N ARG A 837 -24.08 -5.57 -10.10
CA ARG A 837 -24.44 -4.14 -10.00
C ARG A 837 -25.91 -3.93 -10.42
N GLN A 838 -26.49 -4.88 -11.14
CA GLN A 838 -27.92 -4.78 -11.58
C GLN A 838 -28.86 -5.40 -10.52
N GLN A 839 -28.34 -5.89 -9.40
CA GLN A 839 -29.19 -6.61 -8.42
C GLN A 839 -29.78 -5.61 -7.46
N PRO A 840 -30.89 -5.97 -6.77
CA PRO A 840 -31.35 -5.14 -5.67
C PRO A 840 -30.32 -5.11 -4.55
N MET A 841 -30.43 -4.08 -3.73
CA MET A 841 -29.53 -3.84 -2.60
C MET A 841 -30.22 -4.20 -1.30
N ALA A 842 -29.43 -4.23 -0.24
CA ALA A 842 -29.90 -4.45 1.13
C ALA A 842 -29.11 -3.55 2.09
N LEU A 843 -29.70 -3.32 3.25
CA LEU A 843 -28.99 -2.67 4.38
C LEU A 843 -28.81 -3.67 5.53
N ALA A 844 -27.61 -3.72 6.12
CA ALA A 844 -27.37 -4.32 7.44
C ALA A 844 -27.27 -3.19 8.46
N VAL A 845 -28.17 -3.18 9.43
CA VAL A 845 -28.30 -2.04 10.38
C VAL A 845 -27.91 -2.55 11.77
N ALA A 846 -26.71 -2.21 12.24
CA ALA A 846 -26.20 -2.69 13.53
C ALA A 846 -26.52 -1.65 14.61
N LEU A 847 -27.55 -1.90 15.44
CA LEU A 847 -28.00 -0.83 16.35
C LEU A 847 -27.07 -0.80 17.57
N THR A 848 -26.82 0.38 18.10
CA THR A 848 -26.25 0.52 19.45
C THR A 848 -27.32 0.04 20.43
N LYS A 849 -26.95 -0.14 21.68
CA LYS A 849 -27.90 -0.38 22.80
C LYS A 849 -28.98 0.71 22.83
N GLY A 850 -28.66 1.98 22.50
CA GLY A 850 -29.58 3.13 22.47
C GLY A 850 -30.42 3.23 21.19
N GLY A 851 -30.26 2.26 20.29
CA GLY A 851 -31.07 2.09 19.07
C GLY A 851 -30.64 2.99 17.93
N GLU A 852 -29.34 3.34 17.84
CA GLU A 852 -28.88 4.26 16.77
C GLU A 852 -27.90 3.55 15.84
N ALA A 853 -27.78 4.07 14.62
CA ALA A 853 -26.77 3.61 13.66
C ALA A 853 -26.73 4.58 12.50
N ARG A 854 -25.61 4.60 11.81
CA ARG A 854 -25.39 5.50 10.65
C ARG A 854 -24.53 4.74 9.64
N GLY A 855 -24.80 4.99 8.36
CA GLY A 855 -23.95 4.55 7.27
C GLY A 855 -24.08 5.39 6.04
N GLU A 856 -23.43 4.95 4.97
CA GLU A 856 -23.47 5.72 3.71
C GLU A 856 -23.24 4.80 2.52
N LEU A 857 -23.60 5.33 1.37
CA LEU A 857 -23.37 4.66 0.06
C LEU A 857 -22.95 5.75 -0.91
N PHE A 858 -21.89 5.46 -1.65
CA PHE A 858 -21.44 6.25 -2.80
C PHE A 858 -21.68 5.39 -4.04
N TRP A 859 -22.31 5.94 -5.07
CA TRP A 859 -22.58 5.17 -6.31
C TRP A 859 -22.32 6.05 -7.52
N ASP A 860 -21.61 5.51 -8.51
CA ASP A 860 -21.41 6.17 -9.83
C ASP A 860 -21.50 5.08 -10.90
N ASP A 861 -21.02 5.35 -12.11
CA ASP A 861 -21.16 4.35 -13.19
C ASP A 861 -20.07 3.31 -13.10
N GLY A 862 -19.19 3.42 -12.12
CA GLY A 862 -18.21 2.35 -11.88
C GLY A 862 -16.91 2.52 -12.66
N GLU A 863 -16.80 3.43 -13.64
CA GLU A 863 -15.52 3.48 -14.43
C GLU A 863 -15.22 4.81 -15.14
N SER A 864 -16.13 5.78 -15.21
CA SER A 864 -15.84 7.09 -15.88
C SER A 864 -14.79 7.87 -15.12
N LEU A 865 -14.06 8.71 -15.87
CA LEU A 865 -13.12 9.72 -15.31
C LEU A 865 -13.90 10.97 -14.84
N GLU A 866 -13.36 11.69 -13.85
CA GLU A 866 -13.79 13.08 -13.45
C GLU A 866 -15.22 13.04 -12.92
N VAL A 867 -15.60 11.93 -12.32
CA VAL A 867 -16.95 11.78 -11.74
C VAL A 867 -17.20 12.87 -10.70
N LEU A 868 -16.33 13.04 -9.72
CA LEU A 868 -16.55 13.99 -8.59
C LEU A 868 -16.58 15.43 -9.12
N GLU A 869 -15.66 15.77 -10.03
CA GLU A 869 -15.61 17.11 -10.69
C GLU A 869 -16.94 17.38 -11.41
N ARG A 870 -17.51 16.39 -12.09
CA ARG A 870 -18.71 16.58 -12.93
C ARG A 870 -20.02 16.34 -12.15
N GLY A 871 -19.95 15.85 -10.93
CA GLY A 871 -21.15 15.56 -10.11
C GLY A 871 -21.92 14.36 -10.60
N ALA A 872 -21.26 13.41 -11.28
CA ALA A 872 -21.98 12.27 -11.90
C ALA A 872 -22.01 11.10 -10.90
N TYR A 873 -22.59 11.32 -9.73
CA TYR A 873 -22.63 10.29 -8.66
C TYR A 873 -23.87 10.51 -7.81
N THR A 874 -24.14 9.51 -7.02
CA THR A 874 -25.15 9.50 -5.94
C THR A 874 -24.46 9.27 -4.60
N GLN A 875 -24.85 10.02 -3.59
CA GLN A 875 -24.36 9.87 -2.21
C GLN A 875 -25.57 9.87 -1.27
N VAL A 876 -25.74 8.80 -0.52
CA VAL A 876 -26.90 8.62 0.40
C VAL A 876 -26.38 8.28 1.79
N ILE A 877 -26.94 8.94 2.80
CA ILE A 877 -26.67 8.60 4.22
C ILE A 877 -27.89 7.85 4.77
N PHE A 878 -27.65 6.80 5.54
CA PHE A 878 -28.66 6.00 6.26
C PHE A 878 -28.55 6.27 7.77
N LEU A 879 -29.69 6.47 8.41
CA LEU A 879 -29.77 6.80 9.85
C LEU A 879 -30.85 5.93 10.49
N ALA A 880 -30.49 5.27 11.59
CA ALA A 880 -31.44 4.55 12.47
C ALA A 880 -31.47 5.28 13.80
N ARG A 881 -32.68 5.50 14.33
CA ARG A 881 -32.96 6.24 15.60
C ARG A 881 -34.40 5.86 16.03
N ASN A 882 -34.60 5.40 17.25
CA ASN A 882 -35.96 5.39 17.84
C ASN A 882 -36.88 4.50 16.99
N ASN A 883 -36.37 3.36 16.54
CA ASN A 883 -37.13 2.31 15.81
C ASN A 883 -37.54 2.82 14.44
N THR A 884 -36.71 3.64 13.80
CA THR A 884 -36.94 4.12 12.42
C THR A 884 -35.60 4.12 11.71
N ILE A 885 -35.64 3.82 10.41
CA ILE A 885 -34.50 3.93 9.46
C ILE A 885 -34.95 4.85 8.33
N VAL A 886 -34.13 5.84 8.01
CA VAL A 886 -34.38 6.80 6.91
C VAL A 886 -33.10 6.87 6.10
N ASN A 887 -33.24 7.30 4.86
CA ASN A 887 -32.11 7.78 4.04
C ASN A 887 -32.16 9.31 4.04
N GLU A 888 -30.99 9.90 3.83
CA GLU A 888 -30.78 11.35 3.65
C GLU A 888 -30.00 11.51 2.35
N LEU A 889 -30.59 12.25 1.41
CA LEU A 889 -30.13 12.29 0.01
C LEU A 889 -29.11 13.43 -0.08
N VAL A 890 -27.83 13.14 -0.11
CA VAL A 890 -26.79 14.19 -0.25
C VAL A 890 -26.75 14.58 -1.71
N ARG A 891 -26.73 13.62 -2.62
CA ARG A 891 -26.75 13.93 -4.06
C ARG A 891 -27.41 12.75 -4.74
N VAL A 892 -28.34 13.03 -5.63
CA VAL A 892 -28.92 11.95 -6.45
C VAL A 892 -28.82 12.38 -7.91
N THR A 893 -28.27 11.52 -8.74
CA THR A 893 -28.16 11.74 -10.20
C THR A 893 -28.55 10.43 -10.86
N SER A 894 -28.48 10.39 -12.19
CA SER A 894 -29.03 9.26 -12.99
C SER A 894 -28.41 7.94 -12.55
N GLU A 895 -27.10 7.93 -12.27
CA GLU A 895 -26.33 6.72 -11.92
C GLU A 895 -27.01 5.91 -10.81
N GLY A 896 -27.48 6.56 -9.74
CA GLY A 896 -28.00 5.87 -8.54
C GLY A 896 -29.49 5.98 -8.33
N ALA A 897 -30.22 6.66 -9.21
CA ALA A 897 -31.67 6.88 -9.01
C ALA A 897 -32.47 5.57 -9.18
N GLY A 898 -31.93 4.60 -9.90
CA GLY A 898 -32.63 3.33 -10.20
C GLY A 898 -32.32 2.26 -9.16
N LEU A 899 -31.50 2.57 -8.14
CA LEU A 899 -31.02 1.53 -7.19
C LEU A 899 -32.21 1.08 -6.32
N GLN A 900 -32.48 -0.22 -6.32
CA GLN A 900 -33.64 -0.82 -5.61
C GLN A 900 -33.17 -1.41 -4.28
N LEU A 901 -33.87 -1.07 -3.21
CA LEU A 901 -33.61 -1.63 -1.87
C LEU A 901 -34.71 -2.66 -1.58
N GLN A 902 -34.32 -3.93 -1.35
CA GLN A 902 -35.29 -5.04 -1.22
C GLN A 902 -35.28 -5.60 0.19
N LYS A 903 -34.23 -5.36 0.97
CA LYS A 903 -34.10 -6.02 2.30
C LYS A 903 -33.43 -5.08 3.29
N VAL A 904 -33.96 -5.06 4.51
CA VAL A 904 -33.38 -4.27 5.63
C VAL A 904 -33.28 -5.24 6.81
N THR A 905 -32.05 -5.54 7.21
CA THR A 905 -31.77 -6.50 8.30
C THR A 905 -31.28 -5.69 9.50
N VAL A 906 -31.97 -5.78 10.63
CA VAL A 906 -31.70 -4.90 11.81
C VAL A 906 -31.20 -5.79 12.95
N LEU A 907 -29.97 -5.54 13.41
CA LEU A 907 -29.27 -6.32 14.47
C LEU A 907 -29.42 -5.58 15.81
N GLY A 908 -29.62 -6.35 16.89
CA GLY A 908 -29.80 -5.81 18.25
C GLY A 908 -31.21 -5.30 18.50
N VAL A 909 -32.25 -5.96 17.97
CA VAL A 909 -33.67 -5.58 18.24
C VAL A 909 -34.14 -6.42 19.43
N ALA A 910 -34.34 -5.79 20.57
CA ALA A 910 -34.46 -6.47 21.89
C ALA A 910 -35.77 -7.25 22.01
N THR A 911 -36.84 -6.79 21.35
CA THR A 911 -38.19 -7.38 21.48
C THR A 911 -38.87 -7.46 20.12
N ALA A 912 -39.63 -8.54 19.90
CA ALA A 912 -40.34 -8.84 18.63
C ALA A 912 -41.30 -7.70 18.32
N PRO A 913 -41.25 -7.06 17.14
CA PRO A 913 -42.21 -6.00 16.82
C PRO A 913 -43.63 -6.53 16.61
N GLN A 914 -44.63 -5.76 17.00
CA GLN A 914 -46.05 -5.99 16.63
C GLN A 914 -46.22 -5.70 15.13
N GLN A 915 -45.73 -4.54 14.66
CA GLN A 915 -45.92 -4.02 13.28
C GLN A 915 -44.59 -3.50 12.72
N VAL A 916 -44.41 -3.69 11.43
CA VAL A 916 -43.33 -3.05 10.63
C VAL A 916 -44.00 -2.27 9.49
N LEU A 917 -43.70 -0.99 9.41
CA LEU A 917 -44.19 -0.07 8.35
C LEU A 917 -43.03 0.28 7.42
N SER A 918 -43.33 0.38 6.12
CA SER A 918 -42.48 1.01 5.08
C SER A 918 -43.28 2.13 4.43
N ASN A 919 -42.87 3.39 4.66
CA ASN A 919 -43.58 4.60 4.20
C ASN A 919 -45.03 4.56 4.71
N GLY A 920 -45.25 4.07 5.92
CA GLY A 920 -46.53 4.22 6.62
C GLY A 920 -47.49 3.08 6.33
N VAL A 921 -47.09 2.11 5.50
CA VAL A 921 -47.90 0.94 5.09
C VAL A 921 -47.28 -0.32 5.68
N PRO A 922 -48.09 -1.23 6.27
CA PRO A 922 -47.58 -2.48 6.85
C PRO A 922 -46.79 -3.29 5.81
N VAL A 923 -45.65 -3.90 6.18
CA VAL A 923 -44.79 -4.57 5.17
C VAL A 923 -45.40 -5.95 4.85
N SER A 924 -45.16 -6.40 3.61
CA SER A 924 -45.76 -7.66 3.10
C SER A 924 -45.16 -8.84 3.89
N ASN A 925 -43.93 -8.71 4.43
CA ASN A 925 -43.16 -9.83 5.03
C ASN A 925 -41.95 -9.36 5.87
N PHE A 926 -41.84 -9.87 7.09
CA PHE A 926 -40.70 -9.66 8.00
C PHE A 926 -40.58 -10.87 8.91
N THR A 927 -39.38 -11.19 9.38
CA THR A 927 -39.14 -12.27 10.36
C THR A 927 -38.33 -11.68 11.51
N TYR A 928 -38.69 -12.04 12.74
CA TYR A 928 -37.94 -11.69 13.97
C TYR A 928 -37.42 -12.96 14.63
N SER A 929 -36.12 -13.04 14.93
CA SER A 929 -35.50 -14.18 15.65
C SER A 929 -35.21 -13.75 17.08
N PRO A 930 -35.94 -14.27 18.10
CA PRO A 930 -35.73 -13.85 19.48
C PRO A 930 -34.37 -14.29 20.02
N ASP A 931 -33.83 -15.38 19.45
CA ASP A 931 -32.52 -15.95 19.82
C ASP A 931 -31.40 -15.01 19.37
N THR A 932 -31.47 -14.46 18.14
CA THR A 932 -30.36 -13.67 17.54
C THR A 932 -30.63 -12.17 17.67
N LYS A 933 -31.88 -11.79 17.96
CA LYS A 933 -32.32 -10.38 18.06
C LYS A 933 -32.18 -9.68 16.70
N VAL A 934 -32.41 -10.44 15.61
CA VAL A 934 -32.44 -9.91 14.22
C VAL A 934 -33.89 -9.78 13.74
N LEU A 935 -34.20 -8.59 13.22
CA LEU A 935 -35.42 -8.20 12.48
C LEU A 935 -35.09 -8.13 10.99
N ASP A 936 -35.60 -9.07 10.20
CA ASP A 936 -35.37 -9.14 8.73
C ASP A 936 -36.64 -8.66 8.00
N ILE A 937 -36.53 -7.57 7.23
CA ILE A 937 -37.66 -6.81 6.61
C ILE A 937 -37.52 -6.86 5.08
N VAL A 939 -38.77 -5.27 1.68
CA VAL A 939 -39.24 -3.93 1.28
C VAL A 939 -39.06 -3.82 -0.25
N SER A 940 -39.70 -2.82 -0.84
CA SER A 940 -39.46 -2.40 -2.22
C SER A 940 -39.28 -0.89 -2.23
N LEU A 941 -38.06 -0.43 -2.01
CA LEU A 941 -37.77 1.01 -1.89
C LEU A 941 -36.62 1.35 -2.85
N LEU A 942 -36.37 2.64 -2.98
CA LEU A 942 -35.34 3.16 -3.88
C LEU A 942 -34.33 3.92 -3.02
N MET A 943 -33.03 3.65 -3.23
CA MET A 943 -31.94 4.33 -2.47
C MET A 943 -32.09 5.83 -2.63
N GLY A 944 -32.43 6.26 -3.84
CA GLY A 944 -32.46 7.66 -4.26
C GLY A 944 -33.79 8.36 -4.01
N GLU A 945 -34.73 7.72 -3.30
CA GLU A 945 -35.99 8.39 -2.87
C GLU A 945 -36.19 8.23 -1.36
N GLN A 946 -36.57 9.32 -0.70
CA GLN A 946 -36.76 9.36 0.77
C GLN A 946 -37.71 8.26 1.19
N PHE A 947 -37.27 7.44 2.12
CA PHE A 947 -38.10 6.39 2.75
C PHE A 947 -38.01 6.53 4.27
N LEU A 948 -38.94 5.85 4.91
CA LEU A 948 -38.97 5.74 6.38
C LEU A 948 -39.53 4.38 6.73
N VAL A 949 -38.67 3.53 7.27
CA VAL A 949 -39.06 2.20 7.79
C VAL A 949 -39.14 2.26 9.31
N SER A 950 -40.19 1.69 9.91
CA SER A 950 -40.40 1.79 11.37
C SER A 950 -40.97 0.50 11.89
N TRP A 951 -40.78 0.26 13.17
CA TRP A 951 -41.29 -0.96 13.85
C TRP A 951 -41.61 -0.60 15.30
N CYS A 952 -42.47 -1.39 15.93
CA CYS A 952 -42.82 -1.24 17.38
C CYS A 952 -43.49 -2.52 17.87
#